data_3AST
#
_entry.id   3AST
#
_cell.length_a   74.966
_cell.length_b   74.966
_cell.length_c   107.250
_cell.angle_alpha   90.00
_cell.angle_beta   90.00
_cell.angle_gamma   120.00
#
_symmetry.space_group_name_H-M   'P 31'
#
loop_
_entity.id
_entity.type
_entity.pdbx_description
1 polymer 'Capsid protein'
2 branched alpha-L-fucopyranose-(1-2)-beta-D-galactopyranose-(1-3)-[alpha-L-fucopyranose-(1-4)]2-acetamido-2-deoxy-beta-D-glucopyranose
3 non-polymer 'SODIUM ION'
4 non-polymer P-NITROPHENOL
5 water water
#
_entity_poly.entity_id   1
_entity_poly.type   'polypeptide(L)'
_entity_poly.pdbx_seq_one_letter_code
;GPLGSVPPTIEQKTRAFTVPNIPLQTLSNSRFPSLIQGMILSPDASQVVQFQNGRCLIDGQLLGTTPATSGQLFRVRGKI
NQGARTLNLTEVDGKPFMAFDSPAPVGFPDFGKCDWHMRISKTPNNTSSGDPMRSVSVQTNVQGFVPHLGSIQFDEVFNH
PTGDYIGTIEWISNPSTPPGTDINLWEIPDYGSSLSQAANLAPPVFPPGFGEALVYFVSAFPGPNNRSAPNDVPCLLPQE
YITHFVSEQAPTMGDAALLHYVDPDTNRNLGEFKLYPGGYLTCVPNGVGAGPQQLPLNGVFLFVSWVSRFYQLKPVGTAS
TARSRL
;
_entity_poly.pdbx_strand_id   A,B
#
loop_
_chem_comp.id
_chem_comp.type
_chem_comp.name
_chem_comp.formula
FUC L-saccharide, alpha linking alpha-L-fucopyranose 'C6 H12 O5'
GAL D-saccharide, beta linking beta-D-galactopyranose 'C6 H12 O6'
NA non-polymer 'SODIUM ION' 'Na 1'
NAG D-saccharide, beta linking 2-acetamido-2-deoxy-beta-D-glucopyranose 'C8 H15 N O6'
NPO non-polymer P-NITROPHENOL 'C6 H5 N O3'
#
# COMPACT_ATOMS: atom_id res chain seq x y z
N THR A 9 16.58 26.56 -3.65
CA THR A 9 17.63 26.67 -4.69
C THR A 9 17.04 26.89 -6.08
N ILE A 10 17.91 27.22 -7.04
CA ILE A 10 17.51 27.42 -8.44
C ILE A 10 16.92 26.14 -9.02
N GLU A 11 17.58 25.01 -8.75
CA GLU A 11 17.12 23.70 -9.21
C GLU A 11 15.72 23.38 -8.70
N GLN A 12 15.46 23.67 -7.43
CA GLN A 12 14.14 23.45 -6.82
C GLN A 12 13.04 24.27 -7.49
N LYS A 13 13.33 25.53 -7.78
CA LYS A 13 12.33 26.43 -8.38
C LYS A 13 12.18 26.27 -9.89
N THR A 14 13.08 25.49 -10.49
CA THR A 14 13.03 25.22 -11.94
C THR A 14 12.82 23.73 -12.24
N ARG A 15 12.54 22.94 -11.20
CA ARG A 15 12.36 21.50 -11.35
C ARG A 15 11.18 21.18 -12.27
N ALA A 16 11.46 20.45 -13.35
CA ALA A 16 10.46 20.10 -14.34
C ALA A 16 9.42 19.15 -13.78
N PHE A 17 8.16 19.41 -14.12
CA PHE A 17 7.04 18.57 -13.71
C PHE A 17 7.10 17.23 -14.42
N THR A 18 6.85 16.16 -13.66
CA THR A 18 6.80 14.80 -14.20
C THR A 18 5.70 14.00 -13.50
N VAL A 19 5.26 12.93 -14.16
CA VAL A 19 4.39 11.93 -13.56
C VAL A 19 5.10 10.56 -13.60
N PRO A 20 4.75 9.64 -12.67
CA PRO A 20 5.37 8.32 -12.64
C PRO A 20 5.17 7.55 -13.95
N ASN A 21 6.25 6.91 -14.42
CA ASN A 21 6.27 6.17 -15.68
C ASN A 21 5.92 4.71 -15.44
N ILE A 22 4.67 4.46 -15.05
CA ILE A 22 4.20 3.14 -14.68
C ILE A 22 2.77 2.96 -15.22
N PRO A 23 2.47 1.80 -15.85
CA PRO A 23 1.14 1.57 -16.40
C PRO A 23 0.04 1.62 -15.35
N LEU A 24 -1.15 2.07 -15.75
CA LEU A 24 -2.25 2.30 -14.83
C LEU A 24 -2.64 1.07 -14.00
N GLN A 25 -2.64 -0.09 -14.65
CA GLN A 25 -3.01 -1.36 -13.99
C GLN A 25 -2.09 -1.74 -12.83
N THR A 26 -0.93 -1.09 -12.77
CA THR A 26 0.07 -1.35 -11.75
C THR A 26 0.00 -0.29 -10.63
N LEU A 27 -0.78 0.76 -10.85
CA LEU A 27 -0.93 1.84 -9.87
C LEU A 27 -2.03 1.54 -8.85
N SER A 28 -2.05 2.30 -7.76
CA SER A 28 -2.88 2.01 -6.61
C SER A 28 -3.95 3.07 -6.35
N ASN A 29 -5.10 2.61 -5.87
CA ASN A 29 -6.17 3.49 -5.37
C ASN A 29 -5.65 4.33 -4.20
N SER A 30 -6.15 5.55 -4.08
CA SER A 30 -5.71 6.45 -3.02
C SER A 30 -6.74 6.60 -1.88
N ARG A 31 -7.85 5.89 -1.98
CA ARG A 31 -8.80 5.86 -0.87
C ARG A 31 -8.69 4.57 -0.03
N PHE A 32 -8.17 3.51 -0.64
CA PHE A 32 -7.75 2.33 0.11
C PHE A 32 -6.66 1.62 -0.69
N PRO A 33 -5.78 0.86 -0.01
CA PRO A 33 -4.68 0.23 -0.72
C PRO A 33 -5.14 -0.95 -1.57
N SER A 34 -5.06 -0.78 -2.89
CA SER A 34 -5.46 -1.79 -3.86
C SER A 34 -5.07 -1.31 -5.24
N LEU A 35 -4.78 -2.24 -6.14
CA LEU A 35 -4.56 -1.88 -7.53
C LEU A 35 -5.78 -1.21 -8.14
N ILE A 36 -5.53 -0.26 -9.03
CA ILE A 36 -6.58 0.35 -9.84
C ILE A 36 -7.09 -0.67 -10.87
N GLN A 37 -8.41 -0.78 -10.99
CA GLN A 37 -9.03 -1.76 -11.88
C GLN A 37 -9.75 -1.13 -13.07
N GLY A 38 -9.88 0.19 -13.05
CA GLY A 38 -10.54 0.88 -14.16
C GLY A 38 -10.63 2.38 -13.97
N MET A 39 -11.04 3.06 -15.04
CA MET A 39 -11.35 4.47 -15.01
C MET A 39 -12.82 4.62 -15.35
N ILE A 40 -13.51 5.51 -14.66
CA ILE A 40 -14.93 5.78 -14.96
C ILE A 40 -15.25 7.26 -14.86
N LEU A 41 -16.39 7.62 -15.43
CA LEU A 41 -17.03 8.89 -15.16
C LEU A 41 -18.07 8.65 -14.08
N SER A 42 -18.44 9.70 -13.35
CA SER A 42 -19.51 9.55 -12.35
C SER A 42 -20.84 9.29 -13.08
N PRO A 43 -21.63 8.31 -12.57
CA PRO A 43 -22.93 7.99 -13.17
C PRO A 43 -23.82 9.23 -13.30
N ASP A 44 -23.83 10.05 -12.25
CA ASP A 44 -24.48 11.35 -12.28
C ASP A 44 -23.46 12.37 -12.78
N ALA A 45 -23.77 13.01 -13.90
CA ALA A 45 -22.88 14.02 -14.51
C ALA A 45 -22.71 15.26 -13.64
N SER A 46 -23.64 15.47 -12.70
CA SER A 46 -23.60 16.62 -11.79
C SER A 46 -22.91 16.28 -10.46
N GLN A 47 -22.33 15.08 -10.37
CA GLN A 47 -21.73 14.63 -9.12
C GLN A 47 -20.56 15.50 -8.67
N VAL A 48 -20.72 16.06 -7.48
CA VAL A 48 -19.67 16.78 -6.79
C VAL A 48 -19.06 15.81 -5.78
N VAL A 49 -17.74 15.78 -5.69
CA VAL A 49 -17.08 14.90 -4.72
C VAL A 49 -16.27 15.70 -3.71
N GLN A 50 -16.07 15.13 -2.53
CA GLN A 50 -15.29 15.78 -1.49
C GLN A 50 -14.48 14.76 -0.70
N PHE A 51 -13.85 13.84 -1.42
CA PHE A 51 -13.02 12.82 -0.78
C PHE A 51 -11.96 13.48 0.10
N GLN A 52 -11.64 12.84 1.22
CA GLN A 52 -10.64 13.39 2.14
C GLN A 52 -9.28 12.73 1.99
N ASN A 53 -9.28 11.50 1.48
CA ASN A 53 -8.05 10.83 1.04
C ASN A 53 -7.90 10.93 -0.47
N GLY A 54 -6.67 10.76 -0.94
CA GLY A 54 -6.36 10.91 -2.35
C GLY A 54 -6.45 12.34 -2.84
N ARG A 55 -6.13 13.28 -1.95
CA ARG A 55 -6.20 14.70 -2.27
C ARG A 55 -4.83 15.34 -2.13
N CYS A 56 -4.28 15.80 -3.25
CA CYS A 56 -2.96 16.40 -3.26
C CYS A 56 -2.86 17.35 -4.44
N LEU A 57 -2.37 18.56 -4.17
CA LEU A 57 -2.06 19.50 -5.24
C LEU A 57 -0.86 18.97 -6.01
N ILE A 58 -0.78 19.28 -7.30
CA ILE A 58 0.27 18.67 -8.13
C ILE A 58 1.67 19.21 -7.87
N ASP A 59 1.78 20.24 -7.02
CA ASP A 59 3.07 20.70 -6.52
C ASP A 59 3.47 20.03 -5.19
N GLY A 60 2.66 19.06 -4.74
CA GLY A 60 2.99 18.24 -3.58
C GLY A 60 2.38 18.60 -2.24
N GLN A 61 1.35 19.46 -2.26
CA GLN A 61 0.66 19.85 -1.04
C GLN A 61 -0.50 18.91 -0.73
N LEU A 62 -0.38 18.16 0.36
CA LEU A 62 -1.43 17.23 0.78
C LEU A 62 -2.63 17.96 1.35
N LEU A 63 -3.83 17.42 1.08
CA LEU A 63 -5.09 18.00 1.57
C LEU A 63 -5.88 16.98 2.38
N GLY A 64 -6.82 17.46 3.20
CA GLY A 64 -7.69 16.58 3.97
C GLY A 64 -6.94 15.68 4.95
N THR A 65 -7.19 14.38 4.83
CA THR A 65 -6.51 13.38 5.66
C THR A 65 -5.49 12.59 4.84
N THR A 66 -5.18 13.06 3.64
CA THR A 66 -4.36 12.31 2.70
C THR A 66 -2.92 12.06 3.19
N PRO A 67 -2.51 10.79 3.25
CA PRO A 67 -1.12 10.49 3.60
C PRO A 67 -0.20 10.61 2.38
N ALA A 68 1.09 10.83 2.62
CA ALA A 68 2.07 10.93 1.54
C ALA A 68 2.26 9.59 0.84
N THR A 69 2.06 8.50 1.58
CA THR A 69 2.32 7.15 1.10
C THR A 69 1.19 6.20 1.52
N SER A 70 1.24 4.96 1.03
CA SER A 70 0.20 3.97 1.31
CA SER A 70 0.19 3.99 1.31
C SER A 70 0.23 3.43 2.73
N GLY A 71 1.34 3.66 3.44
CA GLY A 71 1.54 3.13 4.80
C GLY A 71 0.55 3.55 5.87
N GLN A 72 0.13 4.81 5.86
CA GLN A 72 -0.87 5.32 6.78
C GLN A 72 -2.29 5.16 6.25
N LEU A 73 -2.40 4.89 4.95
CA LEU A 73 -3.71 4.94 4.29
C LEU A 73 -4.65 3.84 4.75
N PHE A 74 -5.86 4.25 5.15
CA PHE A 74 -6.95 3.33 5.45
C PHE A 74 -6.68 2.50 6.71
N ARG A 75 -6.00 3.11 7.67
CA ARG A 75 -5.79 2.50 8.98
C ARG A 75 -6.54 3.30 10.04
N VAL A 76 -6.95 2.60 11.09
CA VAL A 76 -7.59 3.22 12.24
C VAL A 76 -6.86 2.74 13.50
N ARG A 77 -6.53 3.70 14.38
CA ARG A 77 -5.87 3.38 15.62
C ARG A 77 -6.46 4.21 16.74
N GLY A 78 -6.60 3.59 17.91
CA GLY A 78 -7.08 4.32 19.07
C GLY A 78 -7.02 3.51 20.35
N LYS A 79 -7.41 4.15 21.45
CA LYS A 79 -7.49 3.49 22.75
C LYS A 79 -8.95 3.22 23.08
N ILE A 80 -9.23 2.04 23.60
CA ILE A 80 -10.57 1.69 24.08
C ILE A 80 -10.51 0.98 25.42
N ASN A 81 -11.44 1.33 26.31
CA ASN A 81 -11.60 0.66 27.59
C ASN A 81 -12.45 -0.58 27.46
N GLN A 82 -12.06 -1.64 28.18
CA GLN A 82 -12.88 -2.84 28.28
C GLN A 82 -14.28 -2.49 28.79
N GLY A 83 -15.30 -2.98 28.10
CA GLY A 83 -16.69 -2.72 28.48
C GLY A 83 -17.29 -1.47 27.85
N ALA A 84 -16.45 -0.70 27.17
CA ALA A 84 -16.89 0.54 26.52
C ALA A 84 -17.16 0.31 25.03
N ARG A 85 -17.67 1.35 24.37
CA ARG A 85 -17.91 1.31 22.93
C ARG A 85 -17.14 2.40 22.19
N THR A 86 -16.45 3.25 22.95
CA THR A 86 -15.79 4.43 22.41
C THR A 86 -14.31 4.17 22.12
N LEU A 87 -13.94 4.34 20.84
CA LEU A 87 -12.55 4.29 20.44
C LEU A 87 -12.01 5.71 20.34
N ASN A 88 -11.07 6.04 21.22
CA ASN A 88 -10.44 7.36 21.24
C ASN A 88 -9.25 7.38 20.31
N LEU A 89 -9.42 8.06 19.18
CA LEU A 89 -8.48 7.97 18.06
C LEU A 89 -7.13 8.59 18.33
N THR A 90 -6.11 7.96 17.77
CA THR A 90 -4.77 8.55 17.68
C THR A 90 -4.35 8.52 16.22
N GLU A 91 -3.18 9.09 15.93
CA GLU A 91 -2.56 8.89 14.63
C GLU A 91 -2.14 7.43 14.49
N VAL A 92 -1.89 7.00 13.25
CA VAL A 92 -1.52 5.61 12.97
C VAL A 92 -0.27 5.16 13.72
N ASP A 93 0.67 6.08 13.94
CA ASP A 93 1.90 5.78 14.68
C ASP A 93 1.74 5.80 16.21
N GLY A 94 0.54 6.11 16.69
CA GLY A 94 0.25 6.10 18.12
C GLY A 94 0.30 7.45 18.81
N LYS A 95 0.83 8.45 18.12
CA LYS A 95 0.90 9.81 18.66
C LYS A 95 -0.49 10.46 18.70
N PRO A 96 -0.69 11.45 19.60
CA PRO A 96 -2.01 12.05 19.74
C PRO A 96 -2.54 12.67 18.46
N PHE A 97 -3.84 12.51 18.25
CA PHE A 97 -4.52 13.19 17.16
C PHE A 97 -4.94 14.57 17.62
N MET A 98 -4.37 15.59 16.99
CA MET A 98 -4.72 16.97 17.29
C MET A 98 -6.03 17.30 16.58
N ALA A 99 -7.13 17.14 17.30
CA ALA A 99 -8.47 17.41 16.80
C ALA A 99 -8.67 18.92 16.58
N PHE A 100 -9.70 19.26 15.81
CA PHE A 100 -10.00 20.64 15.41
C PHE A 100 -9.03 21.22 14.37
N ASP A 101 -7.87 20.57 14.23
CA ASP A 101 -6.90 20.93 13.20
C ASP A 101 -7.20 20.18 11.90
N SER A 102 -7.84 19.02 12.02
CA SER A 102 -8.09 18.12 10.89
C SER A 102 -9.46 17.44 11.03
N PRO A 103 -10.00 16.90 9.91
CA PRO A 103 -11.27 16.17 10.02
C PRO A 103 -11.12 14.85 10.77
N ALA A 104 -9.93 14.25 10.69
CA ALA A 104 -9.64 12.94 11.27
C ALA A 104 -8.12 12.70 11.23
N PRO A 105 -7.64 11.64 11.90
CA PRO A 105 -6.22 11.29 11.78
C PRO A 105 -5.82 11.04 10.33
N VAL A 106 -4.54 11.27 10.01
CA VAL A 106 -4.03 11.03 8.67
C VAL A 106 -4.30 9.57 8.27
N GLY A 107 -4.87 9.39 7.07
CA GLY A 107 -5.16 8.06 6.54
C GLY A 107 -6.49 7.45 6.99
N PHE A 108 -7.18 8.12 7.90
CA PHE A 108 -8.47 7.63 8.39
C PHE A 108 -9.44 7.43 7.22
N PRO A 109 -10.19 6.31 7.20
CA PRO A 109 -11.06 6.04 6.04
C PRO A 109 -12.10 7.14 5.80
N ASP A 110 -12.39 7.40 4.53
CA ASP A 110 -13.38 8.40 4.13
C ASP A 110 -14.58 7.79 3.39
N PHE A 111 -14.89 6.53 3.71
CA PHE A 111 -16.02 5.82 3.10
C PHE A 111 -17.33 6.24 3.77
N GLY A 112 -18.10 7.08 3.09
CA GLY A 112 -19.42 7.50 3.56
C GLY A 112 -20.50 6.52 3.16
N LYS A 113 -21.68 6.69 3.76
CA LYS A 113 -22.88 5.94 3.39
C LYS A 113 -22.69 4.42 3.35
N CYS A 114 -22.10 3.88 4.41
CA CYS A 114 -21.96 2.43 4.59
C CYS A 114 -21.66 2.09 6.04
N ASP A 115 -21.99 0.86 6.42
CA ASP A 115 -21.52 0.29 7.68
C ASP A 115 -20.11 -0.23 7.47
N TRP A 116 -19.23 0.00 8.45
CA TRP A 116 -17.87 -0.49 8.41
C TRP A 116 -17.71 -1.73 9.25
N HIS A 117 -17.18 -2.79 8.65
CA HIS A 117 -16.89 -4.01 9.39
C HIS A 117 -15.38 -4.18 9.49
N MET A 118 -14.88 -3.94 10.69
CA MET A 118 -13.46 -3.78 10.94
C MET A 118 -12.82 -4.99 11.60
N ARG A 119 -11.52 -5.12 11.40
CA ARG A 119 -10.70 -6.09 12.11
C ARG A 119 -9.58 -5.33 12.79
N ILE A 120 -9.45 -5.51 14.10
CA ILE A 120 -8.46 -4.79 14.89
C ILE A 120 -7.73 -5.75 15.83
N SER A 121 -6.56 -5.33 16.32
CA SER A 121 -5.81 -6.09 17.30
C SER A 121 -5.05 -5.17 18.24
N LYS A 122 -4.81 -5.66 19.45
CA LYS A 122 -4.08 -4.91 20.47
C LYS A 122 -2.61 -4.80 20.09
N THR A 123 -2.07 -3.59 20.17
CA THR A 123 -0.71 -3.30 19.73
C THR A 123 0.09 -2.58 20.83
N PRO A 124 1.38 -2.93 21.01
CA PRO A 124 2.12 -3.98 20.30
C PRO A 124 1.73 -5.36 20.82
N ASN A 125 2.13 -6.42 20.12
CA ASN A 125 1.91 -7.76 20.65
C ASN A 125 2.65 -7.96 21.96
N ASN A 126 1.94 -8.45 22.96
CA ASN A 126 2.54 -8.84 24.23
C ASN A 126 2.05 -10.23 24.65
N THR A 127 1.69 -11.03 23.66
CA THR A 127 1.12 -12.37 23.87
C THR A 127 2.01 -13.47 23.30
N SER A 128 1.89 -14.67 23.86
CA SER A 128 2.65 -15.82 23.41
C SER A 128 1.74 -16.95 22.90
N SER A 129 0.44 -16.70 22.86
CA SER A 129 -0.54 -17.66 22.39
C SER A 129 -1.80 -16.95 21.92
N GLY A 130 -2.58 -17.63 21.09
CA GLY A 130 -3.92 -17.17 20.75
C GLY A 130 -4.06 -16.26 19.55
N ASP A 131 -5.29 -16.19 19.06
CA ASP A 131 -5.67 -15.34 17.94
C ASP A 131 -5.95 -13.93 18.47
N PRO A 132 -5.19 -12.93 17.98
CA PRO A 132 -5.35 -11.56 18.47
C PRO A 132 -6.45 -10.74 17.79
N MET A 133 -7.04 -11.27 16.74
CA MET A 133 -7.94 -10.48 15.90
C MET A 133 -9.33 -10.32 16.49
N ARG A 134 -9.85 -9.11 16.41
CA ARG A 134 -11.19 -8.78 16.92
C ARG A 134 -12.03 -8.13 15.83
N SER A 135 -13.28 -8.57 15.71
CA SER A 135 -14.23 -7.98 14.78
C SER A 135 -15.09 -6.95 15.50
N VAL A 136 -15.13 -5.75 14.94
CA VAL A 136 -16.01 -4.69 15.45
C VAL A 136 -16.69 -4.03 14.26
N SER A 137 -17.85 -3.42 14.50
CA SER A 137 -18.55 -2.70 13.45
C SER A 137 -18.79 -1.24 13.83
N VAL A 138 -18.77 -0.37 12.82
CA VAL A 138 -18.92 1.07 13.00
C VAL A 138 -19.97 1.60 12.03
N GLN A 139 -20.99 2.26 12.58
CA GLN A 139 -21.95 3.02 11.79
C GLN A 139 -21.48 4.47 11.74
N THR A 140 -21.61 5.10 10.59
CA THR A 140 -21.03 6.43 10.37
C THR A 140 -22.04 7.58 10.42
N ASN A 141 -23.32 7.24 10.48
CA ASN A 141 -24.38 8.26 10.52
C ASN A 141 -25.07 8.35 11.89
N VAL A 142 -24.42 7.80 12.92
CA VAL A 142 -24.91 7.87 14.30
C VAL A 142 -24.19 8.98 15.05
N GLN A 143 -24.75 9.39 16.19
CA GLN A 143 -24.17 10.50 16.95
C GLN A 143 -22.78 10.22 17.54
N GLY A 144 -22.45 8.93 17.70
CA GLY A 144 -21.15 8.52 18.20
C GLY A 144 -20.01 8.56 17.20
N PHE A 145 -20.33 8.76 15.92
CA PHE A 145 -19.30 8.87 14.89
C PHE A 145 -18.80 10.32 14.79
N VAL A 146 -17.78 10.63 15.58
CA VAL A 146 -17.25 12.00 15.64
C VAL A 146 -15.71 12.02 15.56
N PRO A 147 -15.15 11.51 14.45
CA PRO A 147 -13.68 11.45 14.37
C PRO A 147 -13.01 12.82 14.51
N HIS A 148 -13.66 13.88 14.04
CA HIS A 148 -13.16 15.24 14.19
C HIS A 148 -13.04 15.64 15.67
N LEU A 149 -13.91 15.08 16.51
CA LEU A 149 -13.87 15.32 17.95
C LEU A 149 -12.99 14.31 18.67
N GLY A 150 -12.45 13.35 17.92
CA GLY A 150 -11.46 12.42 18.44
C GLY A 150 -11.93 11.01 18.76
N SER A 151 -13.16 10.67 18.40
CA SER A 151 -13.66 9.32 18.70
C SER A 151 -14.69 8.77 17.73
N ILE A 152 -14.76 7.45 17.68
CA ILE A 152 -15.84 6.74 16.98
C ILE A 152 -16.43 5.68 17.92
N GLN A 153 -17.64 5.23 17.60
CA GLN A 153 -18.36 4.31 18.46
C GLN A 153 -18.59 2.97 17.78
N PHE A 154 -18.21 1.89 18.47
CA PHE A 154 -18.49 0.55 17.98
C PHE A 154 -19.96 0.20 18.24
N ASP A 155 -20.50 -0.71 17.43
CA ASP A 155 -21.90 -1.14 17.56
C ASP A 155 -22.17 -1.86 18.87
N GLU A 156 -21.23 -2.70 19.29
CA GLU A 156 -21.39 -3.51 20.48
C GLU A 156 -20.34 -3.20 21.55
N VAL A 157 -20.68 -3.51 22.79
CA VAL A 157 -19.74 -3.39 23.91
C VAL A 157 -18.48 -4.20 23.64
N PHE A 158 -17.33 -3.58 23.84
CA PHE A 158 -16.04 -4.20 23.57
C PHE A 158 -15.53 -4.95 24.80
N ASN A 159 -15.83 -6.24 24.86
CA ASN A 159 -15.41 -7.07 25.98
C ASN A 159 -14.07 -7.76 25.73
N HIS A 160 -13.05 -6.92 25.57
CA HIS A 160 -11.66 -7.35 25.40
C HIS A 160 -10.78 -6.35 26.16
N PRO A 161 -9.54 -6.75 26.49
CA PRO A 161 -8.70 -5.92 27.36
C PRO A 161 -8.53 -4.48 26.89
N THR A 162 -8.55 -3.55 27.86
CA THR A 162 -8.26 -2.14 27.63
C THR A 162 -6.89 -2.02 26.96
N GLY A 163 -6.81 -1.13 25.97
CA GLY A 163 -5.53 -0.90 25.31
C GLY A 163 -5.58 -0.15 24.01
N ASP A 164 -4.45 -0.18 23.34
CA ASP A 164 -4.19 0.47 22.07
C ASP A 164 -4.47 -0.54 20.97
N TYR A 165 -5.43 -0.22 20.10
CA TYR A 165 -5.84 -1.12 19.03
C TYR A 165 -5.62 -0.50 17.67
N ILE A 166 -5.19 -1.33 16.71
CA ILE A 166 -4.98 -0.88 15.34
C ILE A 166 -5.64 -1.86 14.38
N GLY A 167 -6.15 -1.35 13.27
CA GLY A 167 -6.72 -2.19 12.25
C GLY A 167 -7.26 -1.40 11.10
N THR A 168 -8.25 -1.96 10.42
CA THR A 168 -8.78 -1.38 9.20
C THR A 168 -10.20 -1.88 8.95
N ILE A 169 -10.87 -1.29 7.96
CA ILE A 169 -12.13 -1.81 7.47
C ILE A 169 -11.84 -3.02 6.57
N GLU A 170 -12.48 -4.13 6.86
CA GLU A 170 -12.30 -5.35 6.08
C GLU A 170 -13.35 -5.48 4.98
N TRP A 171 -14.60 -5.17 5.31
CA TRP A 171 -15.68 -5.18 4.31
C TRP A 171 -16.73 -4.17 4.71
N ILE A 172 -17.57 -3.78 3.75
CA ILE A 172 -18.63 -2.80 3.98
C ILE A 172 -19.99 -3.35 3.58
N SER A 173 -21.04 -2.74 4.10
CA SER A 173 -22.40 -3.09 3.72
C SER A 173 -23.29 -1.86 3.80
N ASN A 174 -24.53 -2.00 3.34
CA ASN A 174 -25.51 -0.90 3.38
C ASN A 174 -25.60 -0.33 4.79
N PRO A 175 -25.80 0.99 4.92
CA PRO A 175 -26.01 1.55 6.26
C PRO A 175 -27.19 0.87 6.95
N SER A 176 -27.04 0.64 8.26
CA SER A 176 -28.11 0.03 9.05
C SER A 176 -29.35 0.93 9.10
N THR A 177 -29.11 2.24 9.16
CA THR A 177 -30.18 3.24 9.16
C THR A 177 -29.86 4.37 8.18
N PRO A 178 -30.90 4.95 7.54
CA PRO A 178 -32.30 4.55 7.55
C PRO A 178 -32.51 3.30 6.70
N PRO A 179 -33.60 2.54 6.95
CA PRO A 179 -33.83 1.32 6.16
C PRO A 179 -33.98 1.61 4.66
N GLY A 180 -33.45 0.71 3.84
CA GLY A 180 -33.54 0.84 2.39
C GLY A 180 -32.48 1.73 1.75
N THR A 181 -31.48 2.13 2.55
CA THR A 181 -30.39 2.96 2.06
C THR A 181 -29.28 2.08 1.47
N ASP A 182 -28.85 2.42 0.26
CA ASP A 182 -27.77 1.69 -0.39
C ASP A 182 -26.42 2.35 -0.13
N ILE A 183 -25.35 1.56 -0.28
CA ILE A 183 -23.98 2.06 -0.20
C ILE A 183 -23.81 3.15 -1.25
N ASN A 184 -23.17 4.25 -0.85
CA ASN A 184 -22.83 5.30 -1.80
C ASN A 184 -21.41 5.80 -1.54
N LEU A 185 -20.47 5.21 -2.27
CA LEU A 185 -19.05 5.51 -2.08
C LEU A 185 -18.61 6.83 -2.74
N TRP A 186 -19.55 7.52 -3.37
CA TRP A 186 -19.30 8.88 -3.87
C TRP A 186 -19.30 9.89 -2.75
N GLU A 187 -19.81 9.48 -1.58
CA GLU A 187 -19.95 10.37 -0.44
C GLU A 187 -18.94 10.09 0.66
N ILE A 188 -18.64 11.13 1.43
CA ILE A 188 -17.81 11.00 2.62
C ILE A 188 -18.72 11.00 3.86
N PRO A 189 -18.22 10.50 5.00
CA PRO A 189 -19.06 10.58 6.19
C PRO A 189 -19.10 11.99 6.80
N ASP A 190 -20.02 12.19 7.74
CA ASP A 190 -20.04 13.40 8.56
C ASP A 190 -19.03 13.21 9.68
N TYR A 191 -17.93 13.98 9.62
CA TYR A 191 -16.81 13.84 10.55
C TYR A 191 -17.06 14.49 11.90
N GLY A 192 -17.85 15.56 11.91
CA GLY A 192 -18.09 16.34 13.12
C GLY A 192 -19.40 15.96 13.77
N SER A 193 -20.04 16.95 14.39
CA SER A 193 -21.35 16.77 15.00
C SER A 193 -22.27 17.94 14.63
N SER A 194 -23.43 18.01 15.26
CA SER A 194 -24.38 19.11 15.06
C SER A 194 -23.89 20.41 15.69
N LEU A 195 -23.11 20.28 16.77
CA LEU A 195 -22.60 21.43 17.51
C LEU A 195 -21.22 21.89 17.01
N SER A 196 -20.52 21.01 16.30
CA SER A 196 -19.20 21.32 15.77
C SER A 196 -18.98 20.72 14.38
N GLN A 197 -18.72 21.60 13.41
CA GLN A 197 -18.42 21.17 12.04
C GLN A 197 -16.98 20.68 11.91
N ALA A 198 -16.71 19.88 10.89
CA ALA A 198 -15.37 19.37 10.63
C ALA A 198 -14.49 20.46 10.00
N ALA A 199 -13.40 20.78 10.69
CA ALA A 199 -12.48 21.83 10.26
C ALA A 199 -11.39 21.27 9.33
N ASN A 200 -10.95 22.11 8.40
CA ASN A 200 -9.89 21.78 7.43
C ASN A 200 -10.19 20.57 6.55
N LEU A 201 -11.46 20.41 6.18
CA LEU A 201 -11.85 19.41 5.17
C LEU A 201 -11.26 19.84 3.83
N ALA A 202 -10.72 18.88 3.10
CA ALA A 202 -10.34 19.13 1.71
C ALA A 202 -11.59 19.63 0.97
N PRO A 203 -11.42 20.63 0.07
CA PRO A 203 -12.57 21.26 -0.58
C PRO A 203 -13.27 20.33 -1.57
N PRO A 204 -14.52 20.66 -1.93
CA PRO A 204 -15.22 19.88 -2.96
C PRO A 204 -14.56 20.04 -4.32
N VAL A 205 -14.78 19.05 -5.19
CA VAL A 205 -14.36 19.12 -6.58
C VAL A 205 -15.64 19.04 -7.42
N PHE A 206 -15.87 20.09 -8.19
CA PHE A 206 -17.08 20.22 -9.02
C PHE A 206 -16.82 19.75 -10.43
N PRO A 207 -17.85 19.21 -11.10
CA PRO A 207 -17.72 18.94 -12.53
C PRO A 207 -17.27 20.21 -13.28
N PRO A 208 -16.30 20.07 -14.20
CA PRO A 208 -15.73 21.21 -14.93
C PRO A 208 -16.69 21.85 -15.94
N GLY A 209 -17.58 21.02 -16.49
CA GLY A 209 -18.50 21.46 -17.54
C GLY A 209 -17.80 21.73 -18.86
N PHE A 210 -18.52 22.40 -19.76
CA PHE A 210 -18.01 22.78 -21.08
C PHE A 210 -17.41 21.62 -21.87
N GLY A 211 -18.05 20.46 -21.75
CA GLY A 211 -17.63 19.27 -22.47
C GLY A 211 -16.69 18.35 -21.70
N GLU A 212 -16.08 18.87 -20.65
CA GLU A 212 -15.18 18.07 -19.81
C GLU A 212 -15.93 17.33 -18.69
N ALA A 213 -15.36 16.22 -18.24
CA ALA A 213 -15.90 15.44 -17.13
C ALA A 213 -14.76 14.93 -16.26
N LEU A 214 -15.01 14.80 -14.98
CA LEU A 214 -14.02 14.26 -14.05
C LEU A 214 -13.79 12.77 -14.30
N VAL A 215 -12.54 12.36 -14.18
CA VAL A 215 -12.14 10.97 -14.33
C VAL A 215 -11.86 10.39 -12.95
N TYR A 216 -12.41 9.20 -12.69
CA TYR A 216 -12.22 8.53 -11.42
C TYR A 216 -11.57 7.17 -11.62
N PHE A 217 -10.63 6.85 -10.73
CA PHE A 217 -9.99 5.54 -10.73
C PHE A 217 -10.68 4.67 -9.71
N VAL A 218 -11.06 3.46 -10.12
CA VAL A 218 -11.86 2.59 -9.28
C VAL A 218 -11.18 1.27 -8.93
N SER A 219 -11.45 0.80 -7.71
CA SER A 219 -11.03 -0.51 -7.24
C SER A 219 -12.16 -1.12 -6.43
N ALA A 220 -12.38 -2.42 -6.59
CA ALA A 220 -13.43 -3.12 -5.86
C ALA A 220 -13.06 -3.33 -4.39
N PHE A 221 -13.99 -3.01 -3.50
CA PHE A 221 -13.82 -3.22 -2.08
C PHE A 221 -14.80 -4.28 -1.60
N PRO A 222 -14.36 -5.23 -0.73
CA PRO A 222 -15.23 -6.34 -0.35
C PRO A 222 -16.56 -5.92 0.29
N GLY A 223 -17.60 -6.66 -0.07
CA GLY A 223 -18.90 -6.46 0.53
C GLY A 223 -20.03 -6.58 -0.49
N PRO A 224 -21.23 -6.90 0.00
CA PRO A 224 -22.41 -6.99 -0.86
C PRO A 224 -23.00 -5.61 -1.15
N ASN A 225 -23.89 -5.54 -2.12
CA ASN A 225 -24.70 -4.33 -2.33
C ASN A 225 -25.98 -4.70 -3.07
N ASN A 226 -26.90 -3.73 -3.16
CA ASN A 226 -28.24 -3.97 -3.71
C ASN A 226 -28.25 -4.35 -5.20
N ARG A 227 -27.15 -4.07 -5.90
CA ARG A 227 -27.03 -4.36 -7.31
C ARG A 227 -26.33 -5.70 -7.59
N SER A 228 -25.94 -6.41 -6.53
CA SER A 228 -25.16 -7.65 -6.63
C SER A 228 -23.95 -7.47 -7.53
N ALA A 229 -23.26 -6.35 -7.32
CA ALA A 229 -22.12 -5.95 -8.14
C ALA A 229 -20.97 -5.54 -7.22
N PRO A 230 -19.74 -5.39 -7.76
CA PRO A 230 -18.66 -4.93 -6.89
C PRO A 230 -18.90 -3.54 -6.31
N ASN A 231 -18.49 -3.34 -5.07
CA ASN A 231 -18.43 -2.00 -4.47
C ASN A 231 -17.20 -1.28 -5.00
N ASP A 232 -17.37 -0.52 -6.08
CA ASP A 232 -16.26 0.18 -6.70
C ASP A 232 -16.00 1.51 -5.99
N VAL A 233 -14.76 1.67 -5.52
CA VAL A 233 -14.38 2.87 -4.77
C VAL A 233 -13.69 3.83 -5.74
N PRO A 234 -14.32 4.99 -6.00
CA PRO A 234 -13.69 5.97 -6.89
C PRO A 234 -12.71 6.90 -6.16
N CYS A 235 -11.60 7.21 -6.82
CA CYS A 235 -10.64 8.17 -6.29
C CYS A 235 -10.15 9.09 -7.41
N LEU A 236 -9.55 10.21 -7.02
CA LEU A 236 -9.14 11.22 -8.00
C LEU A 236 -7.75 11.05 -8.59
N LEU A 237 -6.85 10.43 -7.81
CA LEU A 237 -5.45 10.30 -8.21
C LEU A 237 -4.90 8.98 -7.73
N PRO A 238 -4.05 8.33 -8.54
CA PRO A 238 -3.34 7.15 -8.01
C PRO A 238 -2.43 7.56 -6.85
N GLN A 239 -2.30 6.70 -5.85
CA GLN A 239 -1.44 7.02 -4.71
C GLN A 239 0.00 7.29 -5.13
N GLU A 240 0.49 6.60 -6.15
CA GLU A 240 1.86 6.81 -6.62
C GLU A 240 2.09 8.23 -7.16
N TYR A 241 1.04 8.81 -7.75
CA TYR A 241 1.08 10.21 -8.19
C TYR A 241 1.28 11.13 -6.99
N ILE A 242 0.50 10.90 -5.94
CA ILE A 242 0.61 11.68 -4.71
C ILE A 242 2.01 11.61 -4.11
N THR A 243 2.52 10.39 -3.95
CA THR A 243 3.87 10.21 -3.41
C THR A 243 4.91 10.92 -4.28
N HIS A 244 4.76 10.79 -5.59
CA HIS A 244 5.65 11.45 -6.53
C HIS A 244 5.64 12.96 -6.38
N PHE A 245 4.45 13.55 -6.30
CA PHE A 245 4.33 15.01 -6.15
C PHE A 245 4.90 15.49 -4.81
N VAL A 246 4.64 14.74 -3.74
CA VAL A 246 5.17 15.10 -2.42
C VAL A 246 6.71 15.09 -2.46
N SER A 247 7.29 14.08 -3.10
CA SER A 247 8.74 13.99 -3.23
C SER A 247 9.34 15.07 -4.13
N GLU A 248 8.75 15.27 -5.31
CA GLU A 248 9.28 16.18 -6.32
C GLU A 248 9.07 17.66 -5.98
N GLN A 249 7.88 18.01 -5.52
CA GLN A 249 7.49 19.40 -5.28
C GLN A 249 7.83 20.29 -6.48
N ALA A 250 7.52 19.81 -7.67
CA ALA A 250 7.76 20.58 -8.89
C ALA A 250 6.78 21.74 -8.95
N PRO A 251 7.28 22.97 -9.22
CA PRO A 251 6.37 24.10 -9.30
C PRO A 251 5.36 23.96 -10.43
N THR A 252 4.12 24.38 -10.18
CA THR A 252 3.08 24.36 -11.19
C THR A 252 3.29 25.55 -12.13
N MET A 253 3.49 25.25 -13.41
CA MET A 253 3.91 26.26 -14.38
C MET A 253 2.82 26.68 -15.37
N GLY A 254 1.63 26.12 -15.20
CA GLY A 254 0.50 26.43 -16.07
C GLY A 254 -0.83 26.11 -15.42
N ASP A 255 -1.90 26.38 -16.15
CA ASP A 255 -3.26 26.16 -15.64
C ASP A 255 -3.59 24.69 -15.48
N ALA A 256 -3.00 23.86 -16.35
CA ALA A 256 -3.28 22.42 -16.36
C ALA A 256 -2.13 21.70 -17.02
N ALA A 257 -1.95 20.44 -16.66
CA ALA A 257 -0.96 19.59 -17.29
C ALA A 257 -1.67 18.68 -18.29
N LEU A 258 -1.32 18.84 -19.57
CA LEU A 258 -1.86 17.97 -20.61
C LEU A 258 -1.17 16.61 -20.54
N LEU A 259 -1.98 15.57 -20.39
CA LEU A 259 -1.48 14.20 -20.37
C LEU A 259 -2.00 13.44 -21.57
N HIS A 260 -1.16 12.56 -22.11
CA HIS A 260 -1.58 11.58 -23.09
C HIS A 260 -1.53 10.21 -22.46
N TYR A 261 -2.61 9.46 -22.59
CA TYR A 261 -2.65 8.08 -22.12
C TYR A 261 -2.16 7.20 -23.27
N VAL A 262 -0.92 6.75 -23.17
CA VAL A 262 -0.22 6.14 -24.30
C VAL A 262 -0.17 4.62 -24.21
N ASP A 263 -0.46 3.97 -25.34
CA ASP A 263 -0.35 2.52 -25.50
C ASP A 263 1.13 2.15 -25.55
N PRO A 264 1.60 1.32 -24.58
CA PRO A 264 3.03 0.99 -24.55
C PRO A 264 3.49 0.09 -25.71
N ASP A 265 2.55 -0.58 -26.36
CA ASP A 265 2.89 -1.44 -27.51
C ASP A 265 3.10 -0.65 -28.79
N THR A 266 2.22 0.31 -29.05
CA THR A 266 2.22 1.03 -30.32
C THR A 266 2.75 2.47 -30.22
N ASN A 267 2.86 2.98 -28.99
CA ASN A 267 3.22 4.38 -28.73
C ASN A 267 2.17 5.39 -29.19
N ARG A 268 0.97 4.88 -29.48
CA ARG A 268 -0.13 5.74 -29.93
C ARG A 268 -0.88 6.32 -28.74
N ASN A 269 -1.33 7.55 -28.89
CA ASN A 269 -2.15 8.20 -27.88
C ASN A 269 -3.56 7.63 -27.91
N LEU A 270 -3.99 7.09 -26.76
CA LEU A 270 -5.33 6.52 -26.62
C LEU A 270 -6.34 7.52 -26.08
N GLY A 271 -5.85 8.60 -25.48
CA GLY A 271 -6.73 9.60 -24.91
C GLY A 271 -6.01 10.80 -24.33
N GLU A 272 -6.59 11.97 -24.55
CA GLU A 272 -6.09 13.23 -24.00
C GLU A 272 -6.81 13.55 -22.70
N PHE A 273 -6.04 13.94 -21.69
CA PHE A 273 -6.56 14.29 -20.38
C PHE A 273 -5.92 15.58 -19.88
N LYS A 274 -6.63 16.31 -19.05
CA LYS A 274 -6.04 17.45 -18.35
C LYS A 274 -5.96 17.17 -16.85
N LEU A 275 -4.74 17.26 -16.33
CA LEU A 275 -4.50 17.17 -14.89
C LEU A 275 -4.45 18.58 -14.33
N TYR A 276 -5.46 18.94 -13.54
CA TYR A 276 -5.55 20.26 -12.96
C TYR A 276 -4.73 20.35 -11.68
N PRO A 277 -4.23 21.56 -11.35
CA PRO A 277 -3.35 21.73 -10.19
C PRO A 277 -3.97 21.28 -8.88
N GLY A 278 -5.31 21.33 -8.80
CA GLY A 278 -6.05 20.86 -7.65
C GLY A 278 -6.01 19.37 -7.41
N GLY A 279 -5.37 18.62 -8.32
CA GLY A 279 -5.16 17.19 -8.14
C GLY A 279 -6.28 16.28 -8.64
N TYR A 280 -6.76 16.57 -9.85
CA TYR A 280 -7.79 15.74 -10.47
C TYR A 280 -7.65 15.82 -11.99
N LEU A 281 -8.18 14.79 -12.66
CA LEU A 281 -8.07 14.64 -14.11
C LEU A 281 -9.43 14.82 -14.75
N THR A 282 -9.43 15.42 -15.94
CA THR A 282 -10.64 15.49 -16.75
C THR A 282 -10.38 14.95 -18.15
N CYS A 283 -11.46 14.59 -18.83
CA CYS A 283 -11.43 14.24 -20.23
C CYS A 283 -12.68 14.79 -20.91
N VAL A 284 -12.76 14.66 -22.22
CA VAL A 284 -13.97 15.01 -22.96
C VAL A 284 -14.58 13.73 -23.53
N PRO A 285 -15.69 13.25 -22.94
CA PRO A 285 -16.34 12.04 -23.47
C PRO A 285 -16.84 12.23 -24.90
N ASN A 286 -16.57 11.24 -25.76
CA ASN A 286 -16.95 11.31 -27.17
C ASN A 286 -18.40 10.88 -27.41
N GLY A 287 -19.34 11.60 -26.80
CA GLY A 287 -20.77 11.29 -26.91
C GLY A 287 -21.29 10.49 -25.75
N VAL A 288 -22.60 10.26 -25.72
CA VAL A 288 -23.25 9.50 -24.65
C VAL A 288 -22.82 8.03 -24.64
N GLY A 289 -22.39 7.56 -23.48
CA GLY A 289 -21.89 6.19 -23.32
C GLY A 289 -20.39 6.06 -23.50
N ALA A 290 -19.77 7.07 -24.12
CA ALA A 290 -18.33 7.07 -24.34
C ALA A 290 -17.58 7.55 -23.11
N GLY A 291 -16.34 7.12 -22.98
CA GLY A 291 -15.51 7.55 -21.86
C GLY A 291 -14.27 6.71 -21.64
N PRO A 292 -13.51 7.03 -20.59
CA PRO A 292 -12.24 6.36 -20.31
C PRO A 292 -12.38 4.91 -19.87
N GLN A 293 -13.61 4.49 -19.52
CA GLN A 293 -13.88 3.09 -19.19
C GLN A 293 -13.67 2.15 -20.38
N GLN A 294 -13.67 2.73 -21.59
CA GLN A 294 -13.47 1.96 -22.82
C GLN A 294 -11.99 1.75 -23.15
N LEU A 295 -11.11 2.40 -22.40
CA LEU A 295 -9.67 2.31 -22.66
C LEU A 295 -9.07 1.09 -21.95
N PRO A 296 -8.02 0.50 -22.55
CA PRO A 296 -7.34 -0.60 -21.86
C PRO A 296 -6.57 -0.08 -20.65
N LEU A 297 -6.25 -0.97 -19.72
CA LEU A 297 -5.68 -0.57 -18.43
C LEU A 297 -4.15 -0.57 -18.41
N ASN A 298 -3.53 -0.99 -19.51
CA ASN A 298 -2.07 -1.09 -19.59
C ASN A 298 -1.38 0.15 -20.15
N GLY A 299 -2.14 1.22 -20.33
CA GLY A 299 -1.58 2.48 -20.81
C GLY A 299 -0.80 3.22 -19.74
N VAL A 300 0.02 4.17 -20.18
CA VAL A 300 0.81 5.00 -19.30
C VAL A 300 0.49 6.46 -19.59
N PHE A 301 0.13 7.22 -18.56
CA PHE A 301 -0.03 8.66 -18.72
C PHE A 301 1.33 9.32 -18.86
N LEU A 302 1.47 10.12 -19.92
CA LEU A 302 2.69 10.87 -20.17
C LEU A 302 2.38 12.37 -20.14
N PHE A 303 3.23 13.12 -19.45
CA PHE A 303 3.13 14.58 -19.43
C PHE A 303 3.62 15.16 -20.75
N VAL A 304 2.74 15.90 -21.42
CA VAL A 304 3.02 16.47 -22.74
C VAL A 304 3.43 17.94 -22.66
N SER A 305 2.63 18.75 -21.96
CA SER A 305 2.84 20.19 -21.90
C SER A 305 1.94 20.82 -20.85
N TRP A 306 2.40 21.92 -20.29
CA TRP A 306 1.51 22.82 -19.56
C TRP A 306 0.59 23.46 -20.59
N VAL A 307 -0.69 23.57 -20.24
CA VAL A 307 -1.66 24.21 -21.13
C VAL A 307 -2.61 25.12 -20.36
N SER A 308 -3.26 25.99 -21.11
CA SER A 308 -4.31 26.84 -20.59
C SER A 308 -5.50 26.00 -20.13
N ARG A 309 -6.25 26.48 -19.14
CA ARG A 309 -7.45 25.77 -18.69
C ARG A 309 -8.52 25.75 -19.78
N PHE A 310 -8.37 26.62 -20.77
CA PHE A 310 -9.29 26.72 -21.90
C PHE A 310 -8.93 25.77 -23.05
N TYR A 311 -7.76 25.13 -22.96
CA TYR A 311 -7.30 24.17 -23.97
C TYR A 311 -8.32 23.04 -24.14
N GLN A 312 -8.69 22.78 -25.38
CA GLN A 312 -9.71 21.77 -25.67
C GLN A 312 -9.10 20.41 -25.98
N LEU A 313 -9.67 19.38 -25.36
CA LEU A 313 -9.19 18.02 -25.52
C LEU A 313 -9.91 17.29 -26.64
N LYS A 314 -9.15 16.47 -27.36
CA LYS A 314 -9.74 15.54 -28.31
C LYS A 314 -10.65 14.58 -27.54
N PRO A 315 -11.89 14.39 -28.02
CA PRO A 315 -12.83 13.52 -27.30
C PRO A 315 -12.33 12.07 -27.21
N VAL A 316 -12.60 11.44 -26.08
CA VAL A 316 -12.12 10.10 -25.79
C VAL A 316 -13.24 9.06 -25.85
N GLY A 317 -12.92 7.89 -26.40
CA GLY A 317 -13.84 6.76 -26.45
C GLY A 317 -14.72 6.76 -27.69
N THR A 318 -15.76 5.92 -27.66
CA THR A 318 -16.71 5.78 -28.75
C THR A 318 -18.13 5.71 -28.19
N ALA A 319 -19.04 6.49 -28.78
CA ALA A 319 -20.44 6.56 -28.33
C ALA A 319 -21.16 5.22 -28.50
N ARG B 15 19.57 9.60 -17.69
CA ARG B 15 18.79 9.98 -16.48
C ARG B 15 19.65 9.86 -15.22
N ALA B 16 19.74 10.96 -14.48
CA ALA B 16 20.53 11.00 -13.25
C ALA B 16 19.86 10.22 -12.12
N PHE B 17 20.67 9.52 -11.33
CA PHE B 17 20.16 8.70 -10.23
C PHE B 17 19.70 9.57 -9.05
N THR B 18 18.54 9.21 -8.50
CA THR B 18 17.98 9.87 -7.31
C THR B 18 17.26 8.85 -6.44
N VAL B 19 17.07 9.19 -5.16
CA VAL B 19 16.16 8.45 -4.31
C VAL B 19 15.03 9.38 -3.84
N PRO B 20 13.84 8.83 -3.48
CA PRO B 20 12.71 9.66 -3.05
C PRO B 20 13.04 10.61 -1.91
N ASN B 21 12.51 11.82 -1.99
CA ASN B 21 12.68 12.87 -1.00
C ASN B 21 11.55 12.81 0.03
N ILE B 22 11.53 11.73 0.80
CA ILE B 22 10.49 11.48 1.78
C ILE B 22 11.14 10.88 3.03
N PRO B 23 10.76 11.39 4.23
CA PRO B 23 11.32 10.86 5.48
C PRO B 23 11.11 9.36 5.65
N LEU B 24 12.10 8.69 6.22
CA LEU B 24 12.09 7.24 6.36
C LEU B 24 10.85 6.70 7.08
N GLN B 25 10.43 7.38 8.15
CA GLN B 25 9.28 6.97 8.95
C GLN B 25 7.95 7.03 8.18
N THR B 26 7.98 7.66 7.01
CA THR B 26 6.79 7.81 6.17
C THR B 26 6.80 6.78 5.03
N LEU B 27 7.94 6.10 4.86
CA LEU B 27 8.10 5.09 3.82
C LEU B 27 7.61 3.73 4.26
N SER B 28 7.44 2.83 3.29
CA SER B 28 6.77 1.54 3.52
C SER B 28 7.73 0.36 3.42
N ASN B 29 7.47 -0.64 4.26
CA ASN B 29 8.09 -1.95 4.17
C ASN B 29 7.79 -2.57 2.80
N SER B 30 8.76 -3.31 2.26
CA SER B 30 8.59 -3.94 0.95
C SER B 30 8.27 -5.43 1.04
N ARG B 31 8.11 -5.95 2.25
CA ARG B 31 7.62 -7.32 2.40
C ARG B 31 6.15 -7.40 2.80
N PHE B 32 5.63 -6.33 3.39
CA PHE B 32 4.18 -6.18 3.54
C PHE B 32 3.86 -4.70 3.68
N PRO B 33 2.65 -4.28 3.29
CA PRO B 33 2.31 -2.86 3.36
C PRO B 33 2.18 -2.37 4.80
N SER B 34 3.14 -1.56 5.21
CA SER B 34 3.16 -0.95 6.54
C SER B 34 4.26 0.07 6.55
N LEU B 35 4.09 1.09 7.38
CA LEU B 35 5.16 2.07 7.60
C LEU B 35 6.39 1.40 8.17
N ILE B 36 7.57 1.88 7.76
CA ILE B 36 8.83 1.47 8.36
C ILE B 36 8.91 2.03 9.79
N GLN B 37 9.31 1.17 10.72
CA GLN B 37 9.32 1.53 12.14
C GLN B 37 10.70 1.44 12.76
N GLY B 38 11.70 1.06 11.96
CA GLY B 38 13.05 0.93 12.46
C GLY B 38 14.04 0.63 11.36
N MET B 39 15.30 0.87 11.67
CA MET B 39 16.40 0.63 10.75
C MET B 39 17.48 -0.05 11.58
N ILE B 40 17.81 -1.31 11.23
CA ILE B 40 18.64 -2.15 12.09
C ILE B 40 19.73 -2.92 11.34
N LEU B 41 20.65 -3.48 12.11
CA LEU B 41 21.57 -4.49 11.62
C LEU B 41 20.99 -5.84 12.00
N SER B 42 21.34 -6.90 11.27
CA SER B 42 20.89 -8.23 11.67
C SER B 42 21.52 -8.62 13.01
N PRO B 43 20.71 -9.16 13.95
CA PRO B 43 21.24 -9.58 15.26
C PRO B 43 22.44 -10.51 15.13
N ASP B 44 22.38 -11.43 14.17
CA ASP B 44 23.51 -12.28 13.80
C ASP B 44 24.26 -11.57 12.68
N ALA B 45 25.53 -11.22 12.93
CA ALA B 45 26.36 -10.54 11.94
C ALA B 45 26.62 -11.37 10.69
N SER B 46 26.42 -12.69 10.78
CA SER B 46 26.65 -13.60 9.67
CA SER B 46 26.65 -13.60 9.67
C SER B 46 25.37 -13.90 8.88
N GLN B 47 24.28 -13.25 9.26
CA GLN B 47 22.97 -13.46 8.62
C GLN B 47 22.99 -13.25 7.10
N VAL B 48 22.63 -14.31 6.39
CA VAL B 48 22.40 -14.27 4.96
C VAL B 48 20.88 -14.22 4.75
N VAL B 49 20.44 -13.36 3.84
CA VAL B 49 19.01 -13.25 3.55
C VAL B 49 18.71 -13.58 2.10
N GLN B 50 17.48 -14.02 1.83
CA GLN B 50 17.08 -14.33 0.47
C GLN B 50 15.61 -13.97 0.27
N PHE B 51 15.22 -12.80 0.78
CA PHE B 51 13.85 -12.31 0.61
C PHE B 51 13.49 -12.32 -0.88
N GLN B 52 12.23 -12.63 -1.17
CA GLN B 52 11.74 -12.65 -2.55
C GLN B 52 10.99 -11.38 -2.91
N ASN B 53 10.42 -10.72 -1.91
CA ASN B 53 9.87 -9.38 -2.07
C ASN B 53 10.86 -8.33 -1.59
N GLY B 54 10.67 -7.09 -2.06
CA GLY B 54 11.60 -6.01 -1.76
C GLY B 54 12.96 -6.19 -2.41
N ARG B 55 12.97 -6.80 -3.59
CA ARG B 55 14.20 -7.08 -4.34
C ARG B 55 14.17 -6.36 -5.67
N CYS B 56 15.04 -5.37 -5.83
CA CYS B 56 15.06 -4.57 -7.04
C CYS B 56 16.45 -4.02 -7.28
N LEU B 57 17.00 -4.25 -8.47
CA LEU B 57 18.25 -3.61 -8.86
C LEU B 57 17.97 -2.11 -8.97
N ILE B 58 18.97 -1.30 -8.62
CA ILE B 58 18.72 0.15 -8.48
C ILE B 58 18.53 0.88 -9.82
N ASP B 59 18.72 0.17 -10.93
CA ASP B 59 18.38 0.69 -12.25
C ASP B 59 16.93 0.35 -12.64
N GLY B 60 16.19 -0.25 -11.72
CA GLY B 60 14.75 -0.48 -11.90
C GLY B 60 14.34 -1.85 -12.37
N GLN B 61 15.13 -2.87 -12.05
CA GLN B 61 14.83 -4.24 -12.46
C GLN B 61 14.39 -5.10 -11.27
N LEU B 62 13.14 -5.54 -11.31
CA LEU B 62 12.56 -6.33 -10.22
C LEU B 62 13.09 -7.77 -10.21
N LEU B 63 13.27 -8.31 -9.02
CA LEU B 63 13.72 -9.69 -8.83
C LEU B 63 12.73 -10.49 -7.99
N GLY B 64 12.83 -11.81 -8.06
CA GLY B 64 12.02 -12.71 -7.24
C GLY B 64 10.54 -12.58 -7.55
N THR B 65 9.76 -12.24 -6.53
CA THR B 65 8.32 -12.00 -6.68
C THR B 65 7.96 -10.52 -6.47
N THR B 66 8.97 -9.65 -6.48
CA THR B 66 8.80 -8.25 -6.10
C THR B 66 7.88 -7.48 -7.06
N PRO B 67 6.83 -6.84 -6.50
CA PRO B 67 5.98 -5.98 -7.33
C PRO B 67 6.56 -4.58 -7.47
N ALA B 68 6.17 -3.89 -8.53
CA ALA B 68 6.60 -2.53 -8.76
C ALA B 68 6.01 -1.57 -7.73
N THR B 69 4.83 -1.89 -7.22
CA THR B 69 4.08 -1.01 -6.33
C THR B 69 3.45 -1.79 -5.17
N SER B 70 2.93 -1.08 -4.19
CA SER B 70 2.35 -1.68 -3.00
CA SER B 70 2.34 -1.68 -3.00
C SER B 70 1.02 -2.40 -3.26
N GLY B 71 0.30 -1.98 -4.31
CA GLY B 71 -1.01 -2.55 -4.64
C GLY B 71 -1.04 -4.06 -4.82
N GLN B 72 0.07 -4.60 -5.31
CA GLN B 72 0.20 -6.01 -5.61
C GLN B 72 0.84 -6.78 -4.45
N LEU B 73 1.48 -6.04 -3.55
CA LEU B 73 2.30 -6.63 -2.50
C LEU B 73 1.49 -7.32 -1.41
N PHE B 74 1.89 -8.56 -1.08
CA PHE B 74 1.36 -9.28 0.07
C PHE B 74 -0.10 -9.66 -0.11
N ARG B 75 -0.47 -9.98 -1.34
CA ARG B 75 -1.81 -10.49 -1.65
C ARG B 75 -1.70 -11.88 -2.23
N VAL B 76 -2.76 -12.66 -2.03
CA VAL B 76 -2.88 -14.01 -2.57
C VAL B 76 -4.20 -14.08 -3.30
N ARG B 77 -4.17 -14.61 -4.52
CA ARG B 77 -5.39 -14.82 -5.30
C ARG B 77 -5.34 -16.17 -5.99
N GLY B 78 -6.49 -16.82 -6.04
CA GLY B 78 -6.61 -18.07 -6.77
C GLY B 78 -8.01 -18.60 -6.82
N LYS B 79 -8.17 -19.74 -7.48
CA LYS B 79 -9.45 -20.44 -7.56
C LYS B 79 -9.46 -21.59 -6.58
N ILE B 80 -10.58 -21.77 -5.90
CA ILE B 80 -10.77 -22.94 -5.05
C ILE B 80 -12.19 -23.48 -5.18
N ASN B 81 -12.29 -24.81 -5.22
CA ASN B 81 -13.57 -25.49 -5.28
C ASN B 81 -14.10 -25.79 -3.89
N GLN B 82 -15.41 -25.65 -3.74
CA GLN B 82 -16.11 -26.08 -2.54
C GLN B 82 -15.74 -27.54 -2.25
N GLY B 83 -15.33 -27.80 -1.01
CA GLY B 83 -14.95 -29.15 -0.59
C GLY B 83 -13.50 -29.53 -0.82
N ALA B 84 -12.71 -28.60 -1.35
CA ALA B 84 -11.29 -28.82 -1.59
C ALA B 84 -10.44 -28.10 -0.56
N ARG B 85 -9.14 -28.41 -0.54
CA ARG B 85 -8.18 -27.72 0.32
C ARG B 85 -7.19 -26.88 -0.49
N THR B 86 -7.21 -27.05 -1.81
CA THR B 86 -6.17 -26.48 -2.66
C THR B 86 -6.62 -25.19 -3.35
N LEU B 87 -5.83 -24.13 -3.16
CA LEU B 87 -6.02 -22.87 -3.85
C LEU B 87 -5.09 -22.85 -5.06
N ASN B 88 -5.68 -22.80 -6.24
CA ASN B 88 -4.93 -22.75 -7.48
C ASN B 88 -4.68 -21.31 -7.88
N LEU B 89 -3.43 -20.89 -7.72
CA LEU B 89 -3.06 -19.48 -7.74
C LEU B 89 -3.16 -18.82 -9.10
N THR B 90 -3.51 -17.54 -9.09
CA THR B 90 -3.38 -16.67 -10.25
C THR B 90 -2.56 -15.47 -9.82
N GLU B 91 -2.28 -14.57 -10.75
CA GLU B 91 -1.73 -13.27 -10.39
C GLU B 91 -2.81 -12.48 -9.65
N VAL B 92 -2.39 -11.45 -8.92
CA VAL B 92 -3.30 -10.64 -8.10
C VAL B 92 -4.44 -10.00 -8.92
N ASP B 93 -4.17 -9.64 -10.16
CA ASP B 93 -5.20 -9.06 -11.03
C ASP B 93 -6.07 -10.11 -11.73
N GLY B 94 -5.83 -11.38 -11.44
CA GLY B 94 -6.65 -12.48 -11.97
C GLY B 94 -6.07 -13.18 -13.19
N LYS B 95 -5.02 -12.60 -13.76
CA LYS B 95 -4.34 -13.18 -14.92
C LYS B 95 -3.66 -14.51 -14.54
N PRO B 96 -3.57 -15.46 -15.49
CA PRO B 96 -3.02 -16.78 -15.18
C PRO B 96 -1.57 -16.73 -14.67
N PHE B 97 -1.26 -17.57 -13.70
CA PHE B 97 0.11 -17.72 -13.23
C PHE B 97 0.80 -18.89 -13.92
N MET B 98 1.97 -18.62 -14.50
CA MET B 98 2.73 -19.64 -15.21
C MET B 98 3.59 -20.46 -14.24
N ALA B 99 3.36 -21.77 -14.22
CA ALA B 99 4.10 -22.68 -13.35
C ALA B 99 5.51 -22.94 -13.87
N PHE B 100 6.40 -23.34 -12.96
CA PHE B 100 7.81 -23.62 -13.26
C PHE B 100 8.66 -22.40 -13.67
N ASP B 101 8.02 -21.24 -13.77
CA ASP B 101 8.67 -20.04 -14.29
C ASP B 101 9.27 -19.15 -13.19
N SER B 102 8.55 -19.00 -12.09
CA SER B 102 8.98 -18.14 -10.99
C SER B 102 8.60 -18.82 -9.67
N PRO B 103 9.07 -18.27 -8.53
CA PRO B 103 8.79 -18.92 -7.24
C PRO B 103 7.31 -18.92 -6.88
N ALA B 104 6.58 -17.90 -7.34
CA ALA B 104 5.20 -17.65 -6.93
C ALA B 104 4.68 -16.44 -7.73
N PRO B 105 3.36 -16.17 -7.67
CA PRO B 105 2.84 -14.97 -8.33
C PRO B 105 3.47 -13.69 -7.78
N VAL B 106 3.48 -12.64 -8.59
CA VAL B 106 4.04 -11.36 -8.14
C VAL B 106 3.31 -10.91 -6.87
N GLY B 107 4.09 -10.52 -5.87
CA GLY B 107 3.56 -10.01 -4.61
C GLY B 107 3.21 -11.06 -3.58
N PHE B 108 3.30 -12.34 -3.95
CA PHE B 108 2.98 -13.44 -3.04
C PHE B 108 3.84 -13.32 -1.78
N PRO B 109 3.24 -13.53 -0.59
CA PRO B 109 4.02 -13.35 0.65
C PRO B 109 5.27 -14.23 0.74
N ASP B 110 6.32 -13.69 1.34
CA ASP B 110 7.59 -14.41 1.49
C ASP B 110 7.98 -14.63 2.95
N PHE B 111 6.97 -14.68 3.83
CA PHE B 111 7.18 -14.91 5.26
C PHE B 111 7.46 -16.39 5.52
N GLY B 112 8.72 -16.73 5.76
CA GLY B 112 9.09 -18.09 6.11
C GLY B 112 8.93 -18.38 7.60
N LYS B 113 9.05 -19.66 7.95
CA LYS B 113 9.03 -20.11 9.34
C LYS B 113 7.89 -19.56 10.18
N CYS B 114 6.67 -19.69 9.66
CA CYS B 114 5.46 -19.33 10.40
C CYS B 114 4.22 -19.93 9.75
N ASP B 115 3.17 -20.13 10.54
CA ASP B 115 1.85 -20.44 10.02
C ASP B 115 1.19 -19.13 9.61
N TRP B 116 0.49 -19.17 8.47
CA TRP B 116 -0.21 -17.99 7.95
C TRP B 116 -1.69 -18.10 8.26
N HIS B 117 -2.24 -17.07 8.89
CA HIS B 117 -3.68 -17.00 9.12
C HIS B 117 -4.28 -15.92 8.26
N MET B 118 -5.00 -16.37 7.24
CA MET B 118 -5.45 -15.50 6.16
C MET B 118 -6.93 -15.18 6.23
N ARG B 119 -7.29 -14.06 5.61
CA ARG B 119 -8.67 -13.68 5.40
C ARG B 119 -8.84 -13.47 3.91
N ILE B 120 -9.83 -14.16 3.33
CA ILE B 120 -10.08 -14.14 1.90
C ILE B 120 -11.56 -13.96 1.61
N SER B 121 -11.89 -13.48 0.42
CA SER B 121 -13.29 -13.33 0.01
C SER B 121 -13.42 -13.56 -1.49
N LYS B 122 -14.61 -14.01 -1.90
CA LYS B 122 -14.91 -14.30 -3.30
C LYS B 122 -15.07 -13.00 -4.06
N THR B 123 -14.43 -12.93 -5.22
CA THR B 123 -14.41 -11.71 -6.03
C THR B 123 -14.73 -12.02 -7.51
N PRO B 124 -15.45 -11.12 -8.20
CA PRO B 124 -16.10 -9.91 -7.69
C PRO B 124 -17.34 -10.26 -6.89
N ASN B 125 -17.80 -9.33 -6.05
CA ASN B 125 -19.08 -9.51 -5.39
C ASN B 125 -20.18 -9.72 -6.42
N ASN B 126 -21.03 -10.70 -6.16
CA ASN B 126 -22.19 -10.97 -7.02
C ASN B 126 -23.47 -11.17 -6.21
N THR B 127 -23.50 -10.64 -4.99
CA THR B 127 -24.61 -10.85 -4.05
C THR B 127 -25.04 -9.58 -3.32
N SER B 128 -26.25 -9.61 -2.77
CA SER B 128 -26.82 -8.49 -2.02
C SER B 128 -26.83 -8.71 -0.51
N SER B 129 -26.35 -9.87 -0.07
CA SER B 129 -26.45 -10.24 1.34
C SER B 129 -25.22 -10.94 1.88
N GLY B 130 -24.94 -10.72 3.16
CA GLY B 130 -24.00 -11.55 3.92
C GLY B 130 -22.59 -11.05 4.10
N ASP B 131 -21.92 -11.64 5.07
CA ASP B 131 -20.50 -11.41 5.35
C ASP B 131 -19.69 -12.29 4.39
N PRO B 132 -18.85 -11.67 3.55
CA PRO B 132 -18.10 -12.43 2.53
C PRO B 132 -16.77 -13.00 3.02
N MET B 133 -16.36 -12.66 4.25
CA MET B 133 -15.00 -12.97 4.70
C MET B 133 -14.85 -14.39 5.24
N ARG B 134 -13.77 -15.05 4.82
CA ARG B 134 -13.47 -16.41 5.24
C ARG B 134 -12.07 -16.48 5.85
N SER B 135 -11.96 -17.21 6.95
CA SER B 135 -10.68 -17.48 7.60
C SER B 135 -10.14 -18.80 7.12
N VAL B 136 -8.90 -18.80 6.64
CA VAL B 136 -8.19 -20.01 6.27
C VAL B 136 -6.76 -19.93 6.80
N SER B 137 -6.14 -21.09 7.00
CA SER B 137 -4.76 -21.14 7.48
C SER B 137 -3.88 -21.93 6.54
N VAL B 138 -2.62 -21.52 6.43
CA VAL B 138 -1.66 -22.11 5.52
C VAL B 138 -0.37 -22.43 6.25
N GLN B 139 0.08 -23.69 6.13
CA GLN B 139 1.41 -24.08 6.59
C GLN B 139 2.34 -24.09 5.38
N THR B 140 3.56 -23.61 5.56
CA THR B 140 4.45 -23.40 4.41
C THR B 140 5.54 -24.46 4.24
N ASN B 141 5.64 -25.37 5.20
CA ASN B 141 6.66 -26.41 5.17
C ASN B 141 6.10 -27.80 4.93
N VAL B 142 4.85 -27.84 4.45
CA VAL B 142 4.17 -29.10 4.14
C VAL B 142 4.23 -29.39 2.64
N GLN B 143 3.97 -30.65 2.29
CA GLN B 143 4.00 -31.12 0.92
C GLN B 143 3.14 -30.29 -0.03
N GLY B 144 2.01 -29.81 0.48
CA GLY B 144 1.03 -29.08 -0.32
C GLY B 144 1.33 -27.61 -0.57
N PHE B 145 2.37 -27.09 0.06
CA PHE B 145 2.79 -25.70 -0.18
C PHE B 145 3.73 -25.67 -1.37
N VAL B 146 3.16 -25.51 -2.56
CA VAL B 146 3.94 -25.54 -3.79
C VAL B 146 3.60 -24.36 -4.73
N PRO B 147 3.81 -23.12 -4.25
CA PRO B 147 3.43 -21.97 -5.07
C PRO B 147 4.13 -21.92 -6.42
N HIS B 148 5.34 -22.49 -6.51
CA HIS B 148 6.10 -22.55 -7.75
CA HIS B 148 6.07 -22.51 -7.77
C HIS B 148 5.39 -23.40 -8.81
N LEU B 149 4.58 -24.36 -8.33
CA LEU B 149 3.76 -25.20 -9.19
C LEU B 149 2.36 -24.62 -9.38
N GLY B 150 2.07 -23.53 -8.68
CA GLY B 150 0.81 -22.80 -8.85
C GLY B 150 -0.28 -23.09 -7.84
N SER B 151 0.06 -23.73 -6.72
CA SER B 151 -0.94 -24.05 -5.69
C SER B 151 -0.43 -24.06 -4.25
N ILE B 152 -1.31 -23.75 -3.32
CA ILE B 152 -1.05 -23.93 -1.89
C ILE B 152 -2.24 -24.64 -1.24
N GLN B 153 -2.00 -25.30 -0.11
CA GLN B 153 -3.02 -26.09 0.56
C GLN B 153 -3.44 -25.41 1.87
N PHE B 154 -4.75 -25.27 2.07
CA PHE B 154 -5.28 -24.78 3.34
C PHE B 154 -5.27 -25.91 4.36
N ASP B 155 -5.23 -25.55 5.65
CA ASP B 155 -5.23 -26.53 6.74
C ASP B 155 -6.48 -27.42 6.77
N GLU B 156 -7.61 -26.81 6.48
CA GLU B 156 -8.90 -27.50 6.55
C GLU B 156 -9.57 -27.50 5.19
N VAL B 157 -10.45 -28.48 4.99
CA VAL B 157 -11.32 -28.50 3.81
C VAL B 157 -12.12 -27.20 3.76
N PHE B 158 -12.15 -26.59 2.58
CA PHE B 158 -12.80 -25.30 2.38
C PHE B 158 -14.26 -25.52 2.01
N ASN B 159 -15.10 -25.59 3.03
CA ASN B 159 -16.54 -25.81 2.85
C ASN B 159 -17.28 -24.48 2.69
N HIS B 160 -16.90 -23.77 1.64
CA HIS B 160 -17.47 -22.48 1.27
C HIS B 160 -17.61 -22.45 -0.25
N PRO B 161 -18.44 -21.54 -0.79
CA PRO B 161 -18.72 -21.53 -2.22
C PRO B 161 -17.49 -21.52 -3.13
N THR B 162 -17.57 -22.28 -4.21
CA THR B 162 -16.56 -22.32 -5.26
C THR B 162 -16.38 -20.94 -5.87
N GLY B 163 -15.13 -20.56 -6.13
CA GLY B 163 -14.87 -19.33 -6.85
C GLY B 163 -13.45 -18.80 -6.82
N ASP B 164 -13.35 -17.55 -7.25
CA ASP B 164 -12.12 -16.78 -7.32
C ASP B 164 -12.01 -16.01 -6.01
N TYR B 165 -10.96 -16.30 -5.24
CA TYR B 165 -10.77 -15.68 -3.93
C TYR B 165 -9.53 -14.83 -3.87
N ILE B 166 -9.65 -13.69 -3.19
CA ILE B 166 -8.53 -12.78 -2.96
C ILE B 166 -8.44 -12.47 -1.47
N GLY B 167 -7.22 -12.33 -0.98
CA GLY B 167 -7.02 -11.91 0.39
C GLY B 167 -5.56 -11.77 0.74
N THR B 168 -5.28 -11.87 2.02
CA THR B 168 -3.94 -11.62 2.55
C THR B 168 -3.76 -12.34 3.87
N ILE B 169 -2.53 -12.35 4.36
CA ILE B 169 -2.24 -12.84 5.69
C ILE B 169 -2.63 -11.78 6.70
N GLU B 170 -3.44 -12.17 7.68
CA GLU B 170 -3.90 -11.24 8.72
C GLU B 170 -3.01 -11.29 9.96
N TRP B 171 -2.62 -12.49 10.39
CA TRP B 171 -1.70 -12.66 11.51
C TRP B 171 -0.92 -13.95 11.33
N ILE B 172 0.19 -14.06 12.04
CA ILE B 172 1.05 -15.23 11.96
C ILE B 172 1.27 -15.84 13.34
N SER B 173 1.70 -17.10 13.35
CA SER B 173 2.07 -17.78 14.59
C SER B 173 3.16 -18.79 14.29
N ASN B 174 3.70 -19.42 15.35
CA ASN B 174 4.71 -20.47 15.19
C ASN B 174 4.27 -21.53 14.19
N PRO B 175 5.21 -22.09 13.41
CA PRO B 175 4.84 -23.18 12.53
C PRO B 175 4.26 -24.34 13.32
N SER B 176 3.28 -25.03 12.75
CA SER B 176 2.66 -26.18 13.41
C SER B 176 3.63 -27.36 13.52
N THR B 177 4.48 -27.52 12.51
CA THR B 177 5.50 -28.56 12.51
C THR B 177 6.85 -27.99 12.05
N PRO B 178 7.98 -28.53 12.58
CA PRO B 178 8.06 -29.51 13.67
C PRO B 178 7.79 -28.84 15.02
N PRO B 179 7.45 -29.62 16.07
CA PRO B 179 7.20 -29.05 17.39
C PRO B 179 8.39 -28.25 17.94
N GLY B 180 8.09 -27.16 18.63
CA GLY B 180 9.13 -26.33 19.24
C GLY B 180 9.84 -25.37 18.29
N THR B 181 9.23 -25.14 17.13
CA THR B 181 9.78 -24.20 16.15
C THR B 181 9.19 -22.82 16.38
N ASP B 182 10.05 -21.81 16.51
CA ASP B 182 9.62 -20.42 16.68
C ASP B 182 9.60 -19.72 15.33
N ILE B 183 8.84 -18.63 15.26
CA ILE B 183 8.80 -17.77 14.08
C ILE B 183 10.20 -17.23 13.77
N ASN B 184 10.57 -17.29 12.49
CA ASN B 184 11.81 -16.66 12.03
C ASN B 184 11.60 -15.94 10.70
N LEU B 185 11.29 -14.65 10.80
CA LEU B 185 10.97 -13.85 9.63
C LEU B 185 12.18 -13.43 8.78
N TRP B 186 13.37 -13.82 9.22
CA TRP B 186 14.58 -13.67 8.40
C TRP B 186 14.61 -14.69 7.27
N GLU B 187 13.75 -15.70 7.38
CA GLU B 187 13.69 -16.78 6.40
C GLU B 187 12.53 -16.61 5.43
N ILE B 188 12.63 -17.31 4.30
CA ILE B 188 11.57 -17.38 3.30
C ILE B 188 10.97 -18.79 3.29
N PRO B 189 9.74 -18.95 2.76
CA PRO B 189 9.17 -20.29 2.70
C PRO B 189 9.80 -21.14 1.60
N ASP B 190 9.47 -22.44 1.60
CA ASP B 190 9.94 -23.36 0.59
C ASP B 190 8.96 -23.36 -0.57
N TYR B 191 9.27 -22.58 -1.60
CA TYR B 191 8.39 -22.39 -2.75
C TYR B 191 8.31 -23.64 -3.62
N GLY B 192 9.37 -24.44 -3.57
CA GLY B 192 9.53 -25.60 -4.45
C GLY B 192 8.70 -26.80 -4.06
N SER B 193 8.89 -27.88 -4.79
CA SER B 193 8.16 -29.13 -4.56
C SER B 193 9.13 -30.28 -4.27
N SER B 194 8.57 -31.48 -4.12
CA SER B 194 9.36 -32.67 -3.82
C SER B 194 10.32 -33.06 -4.95
N LEU B 195 9.90 -32.82 -6.19
CA LEU B 195 10.68 -33.21 -7.36
C LEU B 195 11.33 -32.03 -8.08
N SER B 196 10.92 -30.81 -7.74
CA SER B 196 11.40 -29.61 -8.43
C SER B 196 11.68 -28.44 -7.48
N GLN B 197 12.87 -27.84 -7.62
CA GLN B 197 13.21 -26.61 -6.91
C GLN B 197 12.60 -25.41 -7.63
N ALA B 198 12.34 -24.34 -6.88
CA ALA B 198 11.76 -23.13 -7.44
C ALA B 198 12.76 -22.43 -8.37
N ALA B 199 12.28 -22.07 -9.56
CA ALA B 199 13.09 -21.38 -10.54
C ALA B 199 13.03 -19.87 -10.35
N ASN B 200 14.12 -19.20 -10.74
CA ASN B 200 14.22 -17.74 -10.72
C ASN B 200 14.01 -17.07 -9.36
N LEU B 201 14.45 -17.75 -8.31
CA LEU B 201 14.49 -17.13 -6.98
C LEU B 201 15.46 -15.96 -7.02
N ALA B 202 15.09 -14.85 -6.38
CA ALA B 202 16.04 -13.77 -6.15
C ALA B 202 17.20 -14.37 -5.34
N PRO B 203 18.45 -14.06 -5.72
CA PRO B 203 19.60 -14.70 -5.08
C PRO B 203 19.83 -14.24 -3.63
N PRO B 204 20.63 -15.01 -2.87
CA PRO B 204 20.93 -14.59 -1.50
C PRO B 204 21.79 -13.33 -1.46
N VAL B 205 21.63 -12.58 -0.36
CA VAL B 205 22.45 -11.40 -0.10
C VAL B 205 23.31 -11.72 1.11
N PHE B 206 24.62 -11.67 0.92
CA PHE B 206 25.58 -12.04 1.97
C PHE B 206 26.10 -10.79 2.69
N PRO B 207 26.51 -10.94 3.96
CA PRO B 207 27.16 -9.82 4.65
C PRO B 207 28.38 -9.34 3.86
N PRO B 208 28.54 -8.00 3.72
CA PRO B 208 29.60 -7.44 2.88
C PRO B 208 31.01 -7.60 3.45
N GLY B 209 31.12 -7.71 4.77
CA GLY B 209 32.42 -7.74 5.44
C GLY B 209 33.16 -6.43 5.30
N PHE B 210 34.46 -6.45 5.59
CA PHE B 210 35.34 -5.27 5.45
C PHE B 210 34.83 -4.04 6.21
N GLY B 211 34.27 -4.27 7.40
CA GLY B 211 33.78 -3.19 8.25
C GLY B 211 32.33 -2.80 8.00
N GLU B 212 31.78 -3.22 6.87
CA GLU B 212 30.43 -2.86 6.50
C GLU B 212 29.40 -3.89 6.99
N ALA B 213 28.15 -3.45 7.09
CA ALA B 213 27.05 -4.31 7.51
C ALA B 213 25.79 -3.91 6.76
N LEU B 214 24.97 -4.91 6.43
CA LEU B 214 23.68 -4.68 5.79
C LEU B 214 22.70 -3.94 6.70
N VAL B 215 21.94 -3.04 6.09
CA VAL B 215 20.91 -2.29 6.79
C VAL B 215 19.54 -2.87 6.45
N TYR B 216 18.72 -3.11 7.47
CA TYR B 216 17.37 -3.65 7.28
C TYR B 216 16.32 -2.70 7.84
N PHE B 217 15.23 -2.56 7.10
CA PHE B 217 14.10 -1.75 7.52
C PHE B 217 13.03 -2.67 8.08
N VAL B 218 12.53 -2.35 9.27
CA VAL B 218 11.64 -3.27 9.99
C VAL B 218 10.28 -2.68 10.31
N SER B 219 9.25 -3.52 10.23
CA SER B 219 7.90 -3.19 10.63
C SER B 219 7.28 -4.37 11.38
N ALA B 220 6.43 -4.08 12.35
CA ALA B 220 5.79 -5.12 13.16
C ALA B 220 4.57 -5.73 12.48
N PHE B 221 4.44 -7.05 12.59
CA PHE B 221 3.32 -7.78 12.01
C PHE B 221 2.52 -8.51 13.11
N PRO B 222 1.17 -8.53 13.00
CA PRO B 222 0.38 -9.12 14.09
C PRO B 222 0.60 -10.61 14.33
N GLY B 223 0.51 -10.99 15.60
CA GLY B 223 0.58 -12.39 15.98
C GLY B 223 1.42 -12.64 17.21
N PRO B 224 1.16 -13.75 17.90
CA PRO B 224 1.93 -14.12 19.08
C PRO B 224 3.27 -14.74 18.71
N ASN B 225 4.19 -14.78 19.67
CA ASN B 225 5.45 -15.50 19.53
C ASN B 225 6.00 -15.88 20.91
N ASN B 226 7.06 -16.68 20.93
CA ASN B 226 7.63 -17.17 22.18
C ASN B 226 8.31 -16.10 23.04
N ARG B 227 8.57 -14.94 22.46
CA ARG B 227 9.18 -13.82 23.17
C ARG B 227 8.11 -12.88 23.74
N SER B 228 6.85 -13.16 23.42
CA SER B 228 5.72 -12.32 23.81
C SER B 228 5.97 -10.87 23.41
N ALA B 229 6.48 -10.68 22.20
CA ALA B 229 6.94 -9.38 21.70
C ALA B 229 6.49 -9.20 20.24
N PRO B 230 6.73 -8.02 19.65
CA PRO B 230 6.32 -7.85 18.25
C PRO B 230 7.04 -8.79 17.28
N ASN B 231 6.32 -9.21 16.23
CA ASN B 231 6.93 -9.94 15.11
C ASN B 231 7.52 -8.95 14.12
N ASP B 232 8.84 -8.78 14.14
CA ASP B 232 9.49 -7.77 13.31
C ASP B 232 9.90 -8.32 11.94
N VAL B 233 9.44 -7.66 10.89
CA VAL B 233 9.69 -8.07 9.52
C VAL B 233 10.78 -7.19 8.90
N PRO B 234 11.97 -7.76 8.64
CA PRO B 234 13.05 -7.03 7.99
C PRO B 234 12.92 -7.04 6.48
N CYS B 235 13.27 -5.92 5.84
CA CYS B 235 13.36 -5.85 4.38
C CYS B 235 14.56 -5.00 3.97
N LEU B 236 14.95 -5.10 2.70
CA LEU B 236 16.17 -4.45 2.21
C LEU B 236 15.99 -3.03 1.69
N LEU B 237 14.79 -2.71 1.21
CA LEU B 237 14.52 -1.42 0.59
C LEU B 237 13.10 -0.98 0.87
N PRO B 238 12.88 0.33 1.09
CA PRO B 238 11.50 0.79 1.14
C PRO B 238 10.77 0.55 -0.18
N GLN B 239 9.49 0.21 -0.15
CA GLN B 239 8.75 -0.03 -1.38
C GLN B 239 8.78 1.18 -2.32
N GLU B 240 8.73 2.38 -1.76
CA GLU B 240 8.73 3.60 -2.57
C GLU B 240 10.03 3.76 -3.36
N TYR B 241 11.14 3.25 -2.83
CA TYR B 241 12.40 3.26 -3.57
C TYR B 241 12.29 2.37 -4.80
N ILE B 242 11.69 1.20 -4.62
CA ILE B 242 11.48 0.26 -5.71
C ILE B 242 10.61 0.88 -6.82
N THR B 243 9.51 1.49 -6.43
CA THR B 243 8.63 2.14 -7.40
C THR B 243 9.39 3.24 -8.15
N HIS B 244 10.16 4.02 -7.41
CA HIS B 244 10.97 5.09 -7.98
C HIS B 244 11.97 4.56 -9.01
N PHE B 245 12.68 3.49 -8.66
CA PHE B 245 13.66 2.92 -9.58
C PHE B 245 13.01 2.35 -10.83
N VAL B 246 11.88 1.67 -10.68
CA VAL B 246 11.13 1.13 -11.82
C VAL B 246 10.70 2.24 -12.78
N SER B 247 10.22 3.35 -12.22
CA SER B 247 9.78 4.49 -13.00
C SER B 247 10.95 5.23 -13.68
N GLU B 248 12.01 5.49 -12.91
CA GLU B 248 13.13 6.31 -13.38
C GLU B 248 14.05 5.58 -14.35
N GLN B 249 14.32 4.30 -14.07
CA GLN B 249 15.24 3.48 -14.88
C GLN B 249 16.58 4.19 -15.10
N ALA B 250 17.11 4.79 -14.04
CA ALA B 250 18.39 5.49 -14.10
C ALA B 250 19.53 4.48 -14.13
N PRO B 251 20.41 4.57 -15.13
CA PRO B 251 21.49 3.58 -15.22
C PRO B 251 22.46 3.66 -14.05
N THR B 252 22.94 2.50 -13.62
CA THR B 252 23.93 2.42 -12.56
C THR B 252 25.28 2.78 -13.16
N MET B 253 25.96 3.76 -12.55
CA MET B 253 27.20 4.30 -13.13
C MET B 253 28.43 4.19 -12.23
N GLY B 254 28.28 3.47 -11.13
CA GLY B 254 29.41 3.19 -10.23
C GLY B 254 29.19 1.93 -9.43
N ASP B 255 30.20 1.54 -8.66
CA ASP B 255 30.13 0.35 -7.80
C ASP B 255 29.07 0.47 -6.72
N ALA B 256 28.85 1.69 -6.24
CA ALA B 256 27.87 1.96 -5.20
C ALA B 256 27.42 3.40 -5.27
N ALA B 257 26.18 3.64 -4.83
CA ALA B 257 25.67 5.00 -4.71
C ALA B 257 25.87 5.45 -3.27
N LEU B 258 26.67 6.49 -3.08
CA LEU B 258 26.86 7.08 -1.75
C LEU B 258 25.64 7.91 -1.38
N LEU B 259 25.05 7.58 -0.23
CA LEU B 259 23.91 8.32 0.30
C LEU B 259 24.27 8.99 1.61
N HIS B 260 23.71 10.17 1.83
CA HIS B 260 23.72 10.80 3.14
C HIS B 260 22.33 10.73 3.72
N TYR B 261 22.24 10.38 5.00
CA TYR B 261 20.97 10.37 5.71
C TYR B 261 20.86 11.70 6.43
N VAL B 262 19.98 12.57 5.93
CA VAL B 262 19.96 13.98 6.32
C VAL B 262 18.73 14.32 7.17
N ASP B 263 18.95 15.11 8.23
CA ASP B 263 17.86 15.66 9.02
C ASP B 263 17.26 16.82 8.21
N PRO B 264 15.99 16.70 7.78
CA PRO B 264 15.41 17.74 6.92
C PRO B 264 15.18 19.07 7.64
N ASP B 265 15.03 19.02 8.97
CA ASP B 265 14.80 20.21 9.77
C ASP B 265 16.04 21.10 9.91
N THR B 266 17.22 20.49 9.82
CA THR B 266 18.48 21.21 10.05
C THR B 266 19.46 21.11 8.87
N ASN B 267 19.20 20.18 7.96
CA ASN B 267 20.11 19.84 6.83
C ASN B 267 21.43 19.20 7.26
N ARG B 268 21.48 18.70 8.50
CA ARG B 268 22.66 18.02 9.03
C ARG B 268 22.74 16.58 8.52
N ASN B 269 23.93 16.18 8.08
CA ASN B 269 24.21 14.80 7.72
C ASN B 269 24.35 13.93 8.97
N LEU B 270 23.46 12.95 9.10
CA LEU B 270 23.42 12.08 10.27
C LEU B 270 24.22 10.79 10.08
N GLY B 271 24.57 10.47 8.84
CA GLY B 271 25.31 9.25 8.54
C GLY B 271 25.49 8.96 7.06
N GLU B 272 26.56 8.26 6.74
CA GLU B 272 26.88 7.87 5.36
C GLU B 272 26.53 6.41 5.13
N PHE B 273 25.92 6.13 3.98
CA PHE B 273 25.52 4.78 3.61
C PHE B 273 25.92 4.51 2.16
N LYS B 274 26.10 3.24 1.83
CA LYS B 274 26.30 2.84 0.43
C LYS B 274 25.13 2.01 -0.06
N LEU B 275 24.52 2.43 -1.16
CA LEU B 275 23.49 1.66 -1.83
C LEU B 275 24.10 0.93 -3.01
N TYR B 276 24.12 -0.39 -2.94
CA TYR B 276 24.76 -1.21 -3.97
C TYR B 276 23.82 -1.51 -5.13
N PRO B 277 24.39 -1.80 -6.32
CA PRO B 277 23.59 -2.04 -7.53
C PRO B 277 22.52 -3.12 -7.33
N GLY B 278 22.82 -4.11 -6.48
CA GLY B 278 21.90 -5.21 -6.22
C GLY B 278 20.68 -4.89 -5.38
N GLY B 279 20.59 -3.65 -4.90
CA GLY B 279 19.39 -3.17 -4.20
C GLY B 279 19.40 -3.35 -2.70
N TYR B 280 20.54 -3.07 -2.08
CA TYR B 280 20.65 -3.18 -0.62
C TYR B 280 21.59 -2.10 -0.12
N LEU B 281 21.40 -1.71 1.14
CA LEU B 281 22.15 -0.63 1.76
C LEU B 281 23.12 -1.18 2.79
N THR B 282 24.30 -0.57 2.87
CA THR B 282 25.24 -0.86 3.94
C THR B 282 25.69 0.39 4.66
N CYS B 283 26.22 0.18 5.87
CA CYS B 283 26.88 1.24 6.62
C CYS B 283 28.06 0.61 7.36
N VAL B 284 28.86 1.45 8.00
CA VAL B 284 29.94 0.99 8.85
C VAL B 284 29.57 1.31 10.30
N PRO B 285 29.26 0.28 11.10
CA PRO B 285 29.01 0.52 12.53
C PRO B 285 30.31 0.95 13.22
N ASN B 286 30.19 1.88 14.16
CA ASN B 286 31.35 2.41 14.90
C ASN B 286 31.63 1.57 16.15
N GLY B 287 31.77 0.26 15.94
CA GLY B 287 31.94 -0.69 17.04
C GLY B 287 30.60 -1.23 17.51
N VAL B 288 30.64 -2.00 18.60
CA VAL B 288 29.42 -2.58 19.17
C VAL B 288 28.58 -1.49 19.85
N GLY B 289 27.26 -1.61 19.73
CA GLY B 289 26.34 -0.59 20.24
C GLY B 289 26.01 0.47 19.20
N ALA B 290 26.94 0.66 18.27
CA ALA B 290 26.76 1.63 17.19
C ALA B 290 26.02 1.00 16.01
N GLY B 291 25.54 1.85 15.11
CA GLY B 291 24.79 1.38 13.95
C GLY B 291 23.62 2.31 13.65
N PRO B 292 22.86 2.00 12.57
CA PRO B 292 21.79 2.87 12.10
C PRO B 292 20.59 2.93 13.06
N GLN B 293 20.50 1.96 13.97
CA GLN B 293 19.41 1.94 14.97
C GLN B 293 19.55 3.06 16.01
N GLN B 294 20.69 3.74 16.01
CA GLN B 294 20.92 4.89 16.90
C GLN B 294 20.36 6.17 16.31
N LEU B 295 19.99 6.13 15.04
CA LEU B 295 19.57 7.33 14.32
C LEU B 295 18.06 7.58 14.39
N PRO B 296 17.64 8.85 14.38
CA PRO B 296 16.21 9.18 14.30
C PRO B 296 15.63 8.70 12.97
N LEU B 297 14.32 8.46 12.95
CA LEU B 297 13.66 7.89 11.77
C LEU B 297 13.02 8.94 10.86
N ASN B 298 13.23 10.21 11.19
CA ASN B 298 12.65 11.30 10.41
C ASN B 298 13.60 11.85 9.33
N GLY B 299 14.71 11.16 9.12
CA GLY B 299 15.69 11.58 8.13
C GLY B 299 15.33 11.21 6.71
N VAL B 300 15.99 11.86 5.75
CA VAL B 300 15.78 11.62 4.33
C VAL B 300 17.13 11.21 3.72
N PHE B 301 17.14 10.09 2.99
CA PHE B 301 18.35 9.70 2.27
C PHE B 301 18.51 10.57 1.03
N LEU B 302 19.74 10.97 0.76
CA LEU B 302 20.06 11.83 -0.37
C LEU B 302 21.24 11.24 -1.13
N PHE B 303 21.07 11.07 -2.44
CA PHE B 303 22.16 10.61 -3.29
C PHE B 303 23.19 11.72 -3.46
N VAL B 304 24.45 11.36 -3.17
CA VAL B 304 25.55 12.32 -3.22
C VAL B 304 26.43 12.09 -4.45
N SER B 305 26.88 10.85 -4.64
CA SER B 305 27.83 10.51 -5.70
C SER B 305 27.93 9.02 -5.92
N TRP B 306 28.31 8.62 -7.14
CA TRP B 306 28.75 7.26 -7.40
C TRP B 306 30.14 7.10 -6.82
N VAL B 307 30.39 5.97 -6.16
CA VAL B 307 31.70 5.70 -5.56
C VAL B 307 32.14 4.27 -5.86
N SER B 308 33.43 3.98 -5.67
CA SER B 308 33.95 2.64 -5.85
C SER B 308 33.57 1.73 -4.66
N ARG B 309 33.69 0.42 -4.87
CA ARG B 309 33.37 -0.59 -3.85
C ARG B 309 34.21 -0.41 -2.58
N PHE B 310 35.44 0.08 -2.77
CA PHE B 310 36.41 0.22 -1.68
C PHE B 310 36.34 1.57 -0.99
N TYR B 311 35.34 2.39 -1.33
CA TYR B 311 35.12 3.67 -0.67
C TYR B 311 34.82 3.44 0.81
N GLN B 312 35.60 4.09 1.67
CA GLN B 312 35.47 3.90 3.11
C GLN B 312 34.47 4.88 3.71
N LEU B 313 33.39 4.33 4.26
CA LEU B 313 32.36 5.14 4.91
C LEU B 313 32.79 5.61 6.29
N LYS B 314 32.39 6.83 6.64
CA LYS B 314 32.50 7.31 8.01
C LYS B 314 31.56 6.46 8.88
N PRO B 315 32.06 5.97 10.01
CA PRO B 315 31.25 5.11 10.89
C PRO B 315 29.99 5.81 11.42
N VAL B 316 28.92 5.06 11.58
CA VAL B 316 27.64 5.61 12.03
C VAL B 316 27.28 5.17 13.45
C1 NAG C . -29.70 -10.00 9.24
C2 NAG C . -28.42 -9.17 9.25
C3 NAG C . -28.38 -8.28 8.00
C4 NAG C . -28.68 -9.07 6.72
C5 NAG C . -29.96 -9.91 6.91
C6 NAG C . -30.31 -10.78 5.71
C7 NAG C . -27.54 -8.65 11.48
C8 NAG C . -27.60 -7.71 12.64
N2 NAG C . -28.35 -8.36 10.45
O3 NAG C . -27.10 -7.69 7.90
O4 NAG C . -28.83 -8.12 5.68
O5 NAG C . -29.77 -10.74 8.04
O6 NAG C . -31.59 -11.38 5.95
O7 NAG C . -26.79 -9.63 11.50
C1 GAL C . -27.08 -6.30 8.23
C2 GAL C . -25.62 -5.86 8.37
C3 GAL C . -25.53 -4.35 8.62
C4 GAL C . -26.35 -3.58 7.59
C5 GAL C . -27.78 -4.14 7.54
C6 GAL C . -28.61 -3.41 6.48
O2 GAL C . -24.99 -6.57 9.41
O3 GAL C . -24.19 -3.93 8.59
O4 GAL C . -25.74 -3.68 6.32
O5 GAL C . -27.75 -5.52 7.25
O6 GAL C . -29.97 -3.80 6.62
C1 FUC C . -23.74 -7.16 8.98
C2 FUC C . -22.89 -7.50 10.20
C3 FUC C . -23.45 -8.73 10.93
C4 FUC C . -23.67 -9.89 9.96
C5 FUC C . -24.49 -9.42 8.75
C6 FUC C . -24.68 -10.51 7.70
O2 FUC C . -22.81 -6.40 11.08
O3 FUC C . -22.60 -9.12 11.99
O4 FUC C . -22.42 -10.41 9.53
O5 FUC C . -23.88 -8.29 8.13
C1 FUC C . -28.23 -8.51 4.42
C2 FUC C . -28.70 -7.51 3.36
C3 FUC C . -28.09 -6.13 3.65
C4 FUC C . -26.56 -6.23 3.75
C5 FUC C . -26.18 -7.33 4.74
C6 FUC C . -24.67 -7.57 4.83
O2 FUC C . -30.11 -7.42 3.39
O3 FUC C . -28.47 -5.21 2.67
O4 FUC C . -26.01 -6.50 2.47
O5 FUC C . -26.81 -8.55 4.41
C1 NAG D . -4.37 -25.31 20.54
C2 NAG D . -4.17 -24.48 19.27
C3 NAG D . -2.77 -23.88 19.26
C4 NAG D . -2.44 -23.18 20.59
C5 NAG D . -2.76 -24.11 21.77
C6 NAG D . -2.51 -23.50 23.14
C7 NAG D . -5.47 -25.20 17.35
C8 NAG D . -5.55 -26.11 16.16
N2 NAG D . -4.38 -25.30 18.09
O3 NAG D . -2.66 -22.94 18.20
O4 NAG D . -1.07 -22.83 20.56
O5 NAG D . -4.12 -24.51 21.68
O6 NAG D . -3.32 -22.35 23.34
O7 NAG D . -6.41 -24.43 17.59
C1 GAL D . -1.82 -23.42 17.14
C2 GAL D . -1.98 -22.46 15.95
C3 GAL D . -1.05 -22.90 14.82
C4 GAL D . 0.39 -23.05 15.32
C5 GAL D . 0.41 -24.00 16.51
C6 GAL D . 1.82 -24.16 17.08
O2 GAL D . -3.33 -22.46 15.54
O3 GAL D . -1.09 -21.96 13.76
O4 GAL D . 0.93 -21.80 15.68
O5 GAL D . -0.46 -23.51 17.52
O6 GAL D . 1.85 -25.21 18.01
C1 FUC D . -3.84 -21.10 15.39
C2 FUC D . -5.10 -21.13 14.53
C3 FUC D . -6.26 -21.74 15.32
C4 FUC D . -6.45 -21.04 16.66
C5 FUC D . -5.12 -21.00 17.42
C6 FUC D . -5.22 -20.23 18.74
O2 FUC D . -4.85 -21.87 13.35
O3 FUC D . -7.45 -21.70 14.56
O4 FUC D . -6.94 -19.72 16.45
O5 FUC D . -4.10 -20.43 16.62
C1 FUC D . -0.80 -21.50 21.06
C2 FUC D . 0.70 -21.36 21.26
C3 FUC D . 1.39 -21.35 19.90
C4 FUC D . 0.82 -20.23 19.02
C5 FUC D . -0.71 -20.35 18.94
C6 FUC D . -1.36 -19.19 18.19
O2 FUC D . 1.19 -22.42 22.05
O3 FUC D . 2.78 -21.22 20.02
O4 FUC D . 1.18 -18.97 19.55
O5 FUC D . -1.29 -20.44 20.24
NA NA E . -20.89 12.62 12.94
C1 NPO F . -32.57 -13.19 12.11
C2 NPO F . -32.78 -12.68 10.83
C3 NPO F . -31.77 -11.94 10.20
C4 NPO F . -30.56 -11.70 10.86
C5 NPO F . -30.36 -12.20 12.15
C6 NPO F . -31.36 -12.94 12.77
OH NPO F . -29.57 -10.98 10.27
N1 NPO F . -33.58 -13.93 12.74
O2 NPO F . -33.55 -14.12 13.94
O3 NPO F . -34.50 -14.40 12.09
C1 NPO G . -7.52 -28.87 22.80
C2 NPO G . -6.20 -28.50 23.10
C3 NPO G . -5.58 -27.49 22.37
C4 NPO G . -6.29 -26.84 21.35
C5 NPO G . -7.60 -27.20 21.06
C6 NPO G . -8.22 -28.22 21.79
OH NPO G . -5.70 -25.84 20.63
N1 NPO G . -8.14 -29.89 23.54
O2 NPO G . -8.56 -30.88 22.96
O3 NPO G . -8.26 -29.78 24.75
NA NA H . 7.14 -26.44 -0.83
#